data_2L8E
#
_entry.id   2L8E
#
loop_
_entity.id
_entity.type
_entity.pdbx_description
1 polymer 'Polyhomeotic-like protein 1'
2 non-polymer 'ZINC ION'
#
_entity_poly.entity_id   1
_entity_poly.type   'polypeptide(L)'
_entity_poly.pdbx_seq_one_letter_code
;GTRGVDSPSAELDKKANLLKCEYCGKYAPAEQFRGSKRFCSMTCAKRYN
;
_entity_poly.pdbx_strand_id   A
#
# COMPACT_ATOMS: atom_id res chain seq x y z
N GLY A 1 19.91 1.31 0.17
CA GLY A 1 19.22 1.06 -1.12
C GLY A 1 18.58 2.31 -1.68
N THR A 2 17.95 2.19 -2.84
CA THR A 2 17.35 3.34 -3.51
C THR A 2 15.88 3.49 -3.16
N ARG A 3 15.52 3.15 -1.92
CA ARG A 3 14.16 3.30 -1.45
C ARG A 3 14.08 4.43 -0.42
N GLY A 4 13.49 5.55 -0.84
CA GLY A 4 13.34 6.68 0.05
C GLY A 4 14.44 7.71 -0.14
N VAL A 5 14.96 7.83 -1.36
CA VAL A 5 16.01 8.79 -1.64
C VAL A 5 15.42 10.17 -1.89
N ASP A 6 14.69 10.31 -3.00
CA ASP A 6 14.05 11.57 -3.35
C ASP A 6 12.65 11.63 -2.74
N SER A 7 12.54 11.22 -1.49
CA SER A 7 11.25 11.06 -0.87
C SER A 7 11.10 11.90 0.39
N PRO A 8 10.12 12.81 0.41
CA PRO A 8 9.71 13.51 1.62
C PRO A 8 8.97 12.56 2.55
N SER A 9 8.13 11.73 1.94
CA SER A 9 7.45 10.67 2.66
C SER A 9 8.34 9.42 2.67
N ALA A 10 9.58 9.58 3.11
CA ALA A 10 10.53 8.48 3.14
C ALA A 10 10.03 7.36 4.04
N GLU A 11 9.33 7.72 5.10
CA GLU A 11 8.76 6.77 6.02
C GLU A 11 7.78 5.85 5.32
N LEU A 12 7.05 6.39 4.37
CA LEU A 12 6.09 5.61 3.63
C LEU A 12 6.74 5.05 2.35
N ASP A 13 8.06 5.06 2.37
CA ASP A 13 8.88 4.48 1.31
C ASP A 13 8.54 5.10 -0.05
N LYS A 14 8.35 6.43 -0.07
CA LYS A 14 8.09 7.19 -1.30
C LYS A 14 6.68 6.95 -1.83
N LYS A 15 6.11 5.81 -1.45
CA LYS A 15 4.89 5.28 -2.05
C LYS A 15 5.10 5.14 -3.54
N ALA A 16 6.23 4.57 -3.91
CA ALA A 16 6.54 4.26 -5.29
C ALA A 16 5.74 3.08 -5.79
N ASN A 17 6.00 1.95 -5.15
CA ASN A 17 5.39 0.68 -5.52
C ASN A 17 3.96 0.58 -5.01
N LEU A 18 3.05 1.27 -5.69
CA LEU A 18 1.66 1.28 -5.30
C LEU A 18 0.83 0.29 -6.08
N LEU A 19 -0.22 -0.13 -5.43
CA LEU A 19 -1.33 -0.86 -6.02
C LEU A 19 -2.53 -0.37 -5.25
N LYS A 20 -3.72 -0.84 -5.53
CA LYS A 20 -4.83 -0.26 -4.82
C LYS A 20 -5.94 -1.25 -4.51
N CYS A 21 -6.55 -0.98 -3.38
CA CYS A 21 -7.66 -1.73 -2.83
C CYS A 21 -8.75 -1.93 -3.87
N GLU A 22 -8.93 -3.18 -4.31
CA GLU A 22 -9.98 -3.54 -5.27
C GLU A 22 -11.39 -3.28 -4.72
N TYR A 23 -11.48 -2.55 -3.61
CA TYR A 23 -12.76 -2.09 -3.11
C TYR A 23 -12.88 -0.59 -3.40
N CYS A 24 -12.43 0.24 -2.45
CA CYS A 24 -12.45 1.70 -2.63
C CYS A 24 -11.53 2.20 -3.73
N GLY A 25 -10.42 1.52 -3.96
CA GLY A 25 -9.56 1.90 -5.08
C GLY A 25 -8.50 2.91 -4.71
N LYS A 26 -8.20 3.02 -3.43
CA LYS A 26 -7.18 3.95 -2.96
C LYS A 26 -5.80 3.35 -3.11
N TYR A 27 -4.85 4.16 -3.60
CA TYR A 27 -3.49 3.70 -3.85
C TYR A 27 -2.65 3.86 -2.60
N ALA A 28 -1.83 2.86 -2.34
CA ALA A 28 -1.03 2.82 -1.14
C ALA A 28 0.16 1.92 -1.35
N PRO A 29 1.21 2.06 -0.53
CA PRO A 29 2.37 1.18 -0.63
C PRO A 29 1.95 -0.24 -0.32
N ALA A 30 2.28 -1.14 -1.26
CA ALA A 30 1.92 -2.56 -1.19
C ALA A 30 2.10 -3.18 0.20
N GLU A 31 3.00 -2.61 0.98
CA GLU A 31 3.28 -3.06 2.34
C GLU A 31 2.04 -2.92 3.25
N GLN A 32 1.16 -2.00 2.91
CA GLN A 32 -0.03 -1.73 3.72
C GLN A 32 -1.16 -2.67 3.29
N PHE A 33 -0.90 -3.47 2.27
CA PHE A 33 -1.91 -4.36 1.73
C PHE A 33 -1.84 -5.70 2.43
N ARG A 34 -2.09 -5.62 3.74
CA ARG A 34 -2.04 -6.78 4.62
C ARG A 34 -3.22 -7.70 4.36
N GLY A 35 -4.11 -7.28 3.49
CA GLY A 35 -5.21 -8.12 3.05
C GLY A 35 -4.75 -9.06 1.94
N SER A 36 -3.50 -9.47 2.02
CA SER A 36 -2.88 -10.36 1.05
C SER A 36 -2.96 -9.77 -0.36
N LYS A 37 -2.61 -8.48 -0.45
CA LYS A 37 -2.45 -7.79 -1.74
C LYS A 37 -3.71 -7.90 -2.58
N ARG A 38 -4.81 -7.41 -2.02
CA ARG A 38 -6.10 -7.39 -2.69
C ARG A 38 -6.82 -6.12 -2.27
N PHE A 39 -6.71 -5.84 -0.99
CA PHE A 39 -7.32 -4.68 -0.39
C PHE A 39 -6.31 -4.04 0.55
N CYS A 40 -6.56 -2.80 0.91
CA CYS A 40 -5.81 -2.13 1.95
C CYS A 40 -6.15 -2.79 3.30
N SER A 41 -5.94 -2.09 4.40
CA SER A 41 -5.81 -2.71 5.73
C SER A 41 -7.14 -3.34 6.23
N MET A 42 -7.53 -3.05 7.47
CA MET A 42 -8.50 -3.89 8.16
C MET A 42 -9.92 -3.63 7.69
N THR A 43 -10.37 -2.39 7.82
CA THR A 43 -11.71 -1.99 7.42
C THR A 43 -12.10 -2.56 6.05
N CYS A 44 -11.24 -2.36 5.07
CA CYS A 44 -11.52 -2.77 3.71
C CYS A 44 -11.43 -4.29 3.49
N ALA A 45 -10.31 -4.90 3.86
CA ALA A 45 -10.12 -6.33 3.64
C ALA A 45 -11.19 -7.15 4.34
N LYS A 46 -11.48 -6.81 5.60
CA LYS A 46 -12.50 -7.52 6.35
C LYS A 46 -13.89 -7.31 5.75
N ARG A 47 -14.10 -6.17 5.09
CA ARG A 47 -15.43 -5.82 4.59
C ARG A 47 -15.77 -6.68 3.38
N TYR A 48 -14.73 -7.17 2.72
CA TYR A 48 -14.92 -8.06 1.59
C TYR A 48 -15.06 -9.51 2.07
N ASN A 49 -14.36 -9.82 3.15
CA ASN A 49 -14.35 -11.17 3.71
C ASN A 49 -13.77 -12.17 2.74
N GLY A 1 23.17 13.99 -5.43
CA GLY A 1 22.01 14.36 -4.58
C GLY A 1 21.11 13.18 -4.31
N THR A 2 20.36 13.25 -3.22
CA THR A 2 19.47 12.17 -2.84
C THR A 2 18.12 12.72 -2.37
N ARG A 3 17.20 12.90 -3.31
CA ARG A 3 15.87 13.39 -3.02
C ARG A 3 15.07 12.37 -2.22
N GLY A 4 14.14 12.85 -1.41
CA GLY A 4 13.32 11.98 -0.59
C GLY A 4 13.23 12.48 0.83
N VAL A 5 14.06 13.46 1.13
CA VAL A 5 14.07 14.09 2.45
C VAL A 5 13.87 15.60 2.31
N ASP A 6 14.18 16.11 1.13
CA ASP A 6 13.98 17.51 0.79
C ASP A 6 12.51 17.76 0.49
N SER A 7 11.84 16.71 0.04
CA SER A 7 10.47 16.82 -0.40
C SER A 7 9.54 16.01 0.52
N PRO A 8 8.34 16.56 0.80
CA PRO A 8 7.29 15.85 1.55
C PRO A 8 6.81 14.62 0.78
N SER A 9 7.11 14.59 -0.51
CA SER A 9 6.90 13.40 -1.32
C SER A 9 8.08 12.45 -1.11
N ALA A 10 8.25 12.02 0.13
CA ALA A 10 9.41 11.24 0.53
C ALA A 10 9.50 9.92 -0.23
N GLU A 11 8.39 9.21 -0.29
CA GLU A 11 8.37 7.88 -0.89
C GLU A 11 8.43 7.95 -2.40
N LEU A 12 8.34 9.15 -2.98
CA LEU A 12 8.31 9.32 -4.41
C LEU A 12 9.72 9.17 -5.00
N ASP A 13 10.43 8.19 -4.46
CA ASP A 13 11.80 7.87 -4.84
C ASP A 13 12.30 6.73 -3.97
N LYS A 14 11.81 6.75 -2.74
CA LYS A 14 12.14 5.72 -1.76
C LYS A 14 11.49 4.39 -2.13
N LYS A 15 10.21 4.43 -2.46
CA LYS A 15 9.48 3.24 -2.86
C LYS A 15 8.19 3.59 -3.59
N ALA A 16 7.17 4.02 -2.84
CA ALA A 16 5.86 4.33 -3.41
C ALA A 16 5.39 3.26 -4.39
N ASN A 17 5.67 1.99 -4.05
CA ASN A 17 5.19 0.87 -4.84
C ASN A 17 3.71 0.64 -4.56
N LEU A 18 2.88 1.53 -5.12
CA LEU A 18 1.48 1.56 -4.81
C LEU A 18 0.68 0.67 -5.76
N LEU A 19 -0.37 0.11 -5.21
CA LEU A 19 -1.39 -0.59 -5.97
C LEU A 19 -2.68 -0.28 -5.24
N LYS A 20 -3.85 -0.63 -5.77
CA LYS A 20 -5.03 -0.14 -5.10
C LYS A 20 -6.13 -1.18 -4.93
N CYS A 21 -6.71 -1.08 -3.75
CA CYS A 21 -7.82 -1.88 -3.26
C CYS A 21 -8.90 -2.10 -4.31
N GLU A 22 -9.08 -3.36 -4.68
CA GLU A 22 -10.13 -3.78 -5.61
C GLU A 22 -11.55 -3.43 -5.12
N TYR A 23 -11.67 -2.87 -3.92
CA TYR A 23 -12.98 -2.53 -3.40
C TYR A 23 -13.24 -1.01 -3.52
N CYS A 24 -12.30 -0.20 -3.07
CA CYS A 24 -12.47 1.25 -3.09
C CYS A 24 -11.53 1.96 -4.06
N GLY A 25 -10.37 1.37 -4.34
CA GLY A 25 -9.50 1.93 -5.35
C GLY A 25 -8.51 2.92 -4.79
N LYS A 26 -8.28 2.86 -3.49
CA LYS A 26 -7.32 3.74 -2.85
C LYS A 26 -5.91 3.21 -3.07
N TYR A 27 -5.00 4.09 -3.48
CA TYR A 27 -3.62 3.71 -3.74
C TYR A 27 -2.81 3.86 -2.48
N ALA A 28 -2.06 2.82 -2.15
CA ALA A 28 -1.27 2.79 -0.94
C ALA A 28 -0.12 1.83 -1.10
N PRO A 29 0.96 2.01 -0.31
CA PRO A 29 2.13 1.16 -0.36
C PRO A 29 1.77 -0.31 -0.10
N ALA A 30 2.20 -1.17 -1.02
CA ALA A 30 1.92 -2.62 -0.99
C ALA A 30 2.12 -3.24 0.39
N GLU A 31 3.09 -2.72 1.14
CA GLU A 31 3.40 -3.21 2.49
C GLU A 31 2.19 -3.09 3.42
N GLN A 32 1.32 -2.14 3.15
CA GLN A 32 0.13 -1.93 3.95
C GLN A 32 -0.94 -2.93 3.60
N PHE A 33 -0.94 -3.38 2.35
CA PHE A 33 -1.92 -4.35 1.86
C PHE A 33 -1.73 -5.75 2.45
N ARG A 34 -1.73 -5.81 3.77
CA ARG A 34 -1.65 -7.07 4.50
C ARG A 34 -3.00 -7.76 4.55
N GLY A 35 -3.92 -7.30 3.71
CA GLY A 35 -5.14 -8.02 3.47
C GLY A 35 -5.00 -8.90 2.25
N SER A 36 -3.84 -9.55 2.15
CA SER A 36 -3.50 -10.42 1.01
C SER A 36 -3.51 -9.63 -0.29
N LYS A 37 -2.97 -8.40 -0.21
CA LYS A 37 -2.59 -7.58 -1.37
C LYS A 37 -3.68 -7.56 -2.42
N ARG A 38 -4.85 -7.12 -1.97
CA ARG A 38 -6.05 -7.00 -2.79
C ARG A 38 -6.95 -5.94 -2.18
N PHE A 39 -6.89 -5.79 -0.86
CA PHE A 39 -7.62 -4.77 -0.15
C PHE A 39 -6.70 -4.08 0.84
N CYS A 40 -6.78 -2.75 0.91
CA CYS A 40 -5.85 -1.98 1.71
C CYS A 40 -6.15 -2.12 3.20
N SER A 41 -5.37 -2.91 3.91
CA SER A 41 -5.29 -2.90 5.38
C SER A 41 -6.42 -3.76 5.97
N MET A 42 -6.82 -3.48 7.20
CA MET A 42 -7.79 -4.33 7.90
C MET A 42 -9.23 -3.94 7.54
N THR A 43 -9.58 -2.70 7.85
CA THR A 43 -10.89 -2.12 7.56
C THR A 43 -11.39 -2.42 6.14
N CYS A 44 -10.51 -2.32 5.17
CA CYS A 44 -10.90 -2.61 3.79
C CYS A 44 -11.09 -4.10 3.54
N ALA A 45 -10.15 -4.90 4.04
CA ALA A 45 -10.22 -6.34 3.87
C ALA A 45 -11.47 -6.92 4.53
N LYS A 46 -11.76 -6.47 5.74
CA LYS A 46 -12.95 -6.93 6.45
C LYS A 46 -14.22 -6.49 5.72
N ARG A 47 -14.10 -5.38 4.99
CA ARG A 47 -15.24 -4.80 4.30
C ARG A 47 -15.71 -5.71 3.17
N TYR A 48 -14.77 -6.45 2.58
CA TYR A 48 -15.12 -7.38 1.52
C TYR A 48 -15.51 -8.74 2.12
N ASN A 49 -15.20 -8.93 3.40
CA ASN A 49 -15.50 -10.18 4.11
C ASN A 49 -14.69 -11.34 3.52
N GLY A 1 17.20 -2.61 7.43
CA GLY A 1 16.60 -3.44 6.36
C GLY A 1 17.04 -2.99 4.99
N THR A 2 17.10 -1.67 4.80
CA THR A 2 17.62 -1.05 3.59
C THR A 2 16.64 -1.16 2.42
N ARG A 3 16.11 -2.35 2.18
CA ARG A 3 15.15 -2.54 1.11
C ARG A 3 13.74 -2.25 1.60
N GLY A 4 13.18 -3.17 2.39
CA GLY A 4 11.85 -2.99 2.90
C GLY A 4 11.07 -4.29 2.91
N VAL A 5 9.75 -4.20 3.04
CA VAL A 5 8.84 -5.35 3.03
C VAL A 5 8.89 -6.07 4.38
N ASP A 6 10.08 -6.48 4.76
CA ASP A 6 10.33 -7.00 6.09
C ASP A 6 11.36 -6.12 6.76
N SER A 7 10.90 -5.16 7.54
CA SER A 7 11.78 -4.19 8.16
C SER A 7 11.41 -3.94 9.62
N PRO A 8 12.41 -3.96 10.51
CA PRO A 8 12.23 -3.61 11.92
C PRO A 8 12.42 -2.10 12.13
N SER A 9 12.58 -1.40 11.02
CA SER A 9 12.75 0.03 11.03
C SER A 9 11.88 0.63 9.93
N ALA A 10 11.54 1.90 10.07
CA ALA A 10 10.67 2.57 9.12
C ALA A 10 11.41 2.93 7.83
N GLU A 11 11.77 1.90 7.07
CA GLU A 11 12.46 2.09 5.81
C GLU A 11 11.63 1.61 4.63
N LEU A 12 10.52 0.95 4.91
CA LEU A 12 9.73 0.40 3.83
C LEU A 12 8.78 1.44 3.26
N ASP A 13 8.80 2.60 3.89
CA ASP A 13 8.07 3.76 3.41
C ASP A 13 8.94 4.54 2.43
N LYS A 14 10.13 4.00 2.19
CA LYS A 14 11.07 4.61 1.26
C LYS A 14 10.62 4.40 -0.18
N LYS A 15 9.98 3.25 -0.43
CA LYS A 15 9.55 2.86 -1.75
C LYS A 15 8.29 3.60 -2.16
N ALA A 16 7.76 3.24 -3.30
CA ALA A 16 6.56 3.87 -3.84
C ALA A 16 5.93 2.97 -4.89
N ASN A 17 6.07 1.67 -4.68
CA ASN A 17 5.41 0.67 -5.49
C ASN A 17 3.96 0.54 -5.04
N LEU A 18 3.10 1.39 -5.60
CA LEU A 18 1.74 1.51 -5.15
C LEU A 18 0.82 0.62 -5.96
N LEU A 19 -0.27 0.24 -5.33
CA LEU A 19 -1.38 -0.44 -5.96
C LEU A 19 -2.59 -0.03 -5.16
N LYS A 20 -3.75 -0.57 -5.41
CA LYS A 20 -4.90 -0.04 -4.71
C LYS A 20 -6.00 -1.05 -4.45
N CYS A 21 -6.57 -0.87 -3.26
CA CYS A 21 -7.66 -1.65 -2.73
C CYS A 21 -8.75 -1.90 -3.76
N GLU A 22 -8.84 -3.14 -4.22
CA GLU A 22 -9.83 -3.54 -5.21
C GLU A 22 -11.28 -3.43 -4.69
N TYR A 23 -11.48 -2.72 -3.59
CA TYR A 23 -12.81 -2.44 -3.10
C TYR A 23 -13.15 -0.95 -3.28
N CYS A 24 -12.17 -0.09 -3.00
CA CYS A 24 -12.36 1.36 -3.11
C CYS A 24 -11.46 2.00 -4.17
N GLY A 25 -10.26 1.49 -4.32
CA GLY A 25 -9.36 2.01 -5.34
C GLY A 25 -8.40 3.04 -4.81
N LYS A 26 -8.16 3.02 -3.51
CA LYS A 26 -7.22 3.97 -2.91
C LYS A 26 -5.80 3.45 -3.03
N TYR A 27 -4.91 4.30 -3.53
CA TYR A 27 -3.53 3.89 -3.83
C TYR A 27 -2.66 3.97 -2.59
N ALA A 28 -1.85 2.93 -2.42
CA ALA A 28 -1.00 2.81 -1.26
C ALA A 28 0.11 1.81 -1.55
N PRO A 29 1.21 1.89 -0.80
CA PRO A 29 2.28 0.92 -0.90
C PRO A 29 1.79 -0.48 -0.58
N ALA A 30 2.14 -1.43 -1.44
CA ALA A 30 1.78 -2.85 -1.29
C ALA A 30 1.99 -3.38 0.14
N GLU A 31 2.83 -2.70 0.92
CA GLU A 31 3.11 -3.08 2.30
C GLU A 31 1.87 -3.01 3.21
N GLN A 32 0.91 -2.17 2.86
CA GLN A 32 -0.28 -2.01 3.68
C GLN A 32 -1.20 -3.19 3.45
N PHE A 33 -1.09 -3.74 2.25
CA PHE A 33 -1.88 -4.89 1.82
C PHE A 33 -1.45 -6.19 2.52
N ARG A 34 -1.26 -6.11 3.83
CA ARG A 34 -1.00 -7.28 4.66
C ARG A 34 -2.31 -7.96 5.01
N GLY A 35 -2.28 -9.28 5.09
CA GLY A 35 -3.51 -10.03 5.20
C GLY A 35 -3.99 -10.49 3.83
N SER A 36 -3.87 -9.60 2.85
CA SER A 36 -4.23 -9.90 1.48
C SER A 36 -3.78 -8.77 0.56
N LYS A 37 -3.00 -9.11 -0.47
CA LYS A 37 -2.51 -8.14 -1.45
C LYS A 37 -3.62 -7.76 -2.42
N ARG A 38 -4.75 -7.33 -1.88
CA ARG A 38 -5.97 -7.09 -2.63
C ARG A 38 -6.65 -5.83 -2.14
N PHE A 39 -6.50 -5.52 -0.86
CA PHE A 39 -7.14 -4.37 -0.26
C PHE A 39 -6.16 -3.64 0.63
N CYS A 40 -6.49 -2.42 0.98
CA CYS A 40 -5.80 -1.71 2.04
C CYS A 40 -6.11 -2.40 3.38
N SER A 41 -5.98 -1.70 4.50
CA SER A 41 -5.83 -2.33 5.81
C SER A 41 -7.09 -3.08 6.29
N MET A 42 -7.45 -2.93 7.56
CA MET A 42 -8.33 -3.90 8.20
C MET A 42 -9.76 -3.75 7.71
N THR A 43 -10.28 -2.53 7.77
CA THR A 43 -11.63 -2.21 7.30
C THR A 43 -11.94 -2.84 5.95
N CYS A 44 -11.06 -2.66 4.99
CA CYS A 44 -11.32 -3.08 3.62
C CYS A 44 -11.27 -4.59 3.43
N ALA A 45 -10.24 -5.25 3.95
CA ALA A 45 -10.18 -6.70 3.90
C ALA A 45 -11.37 -7.30 4.64
N LYS A 46 -11.64 -6.75 5.82
CA LYS A 46 -12.78 -7.13 6.64
C LYS A 46 -14.10 -6.93 5.90
N ARG A 47 -14.17 -5.85 5.11
CA ARG A 47 -15.40 -5.49 4.42
C ARG A 47 -15.77 -6.52 3.36
N TYR A 48 -14.77 -7.13 2.75
CA TYR A 48 -15.00 -8.08 1.66
C TYR A 48 -15.27 -9.48 2.24
N ASN A 49 -15.19 -9.58 3.57
CA ASN A 49 -15.57 -10.81 4.29
C ASN A 49 -14.77 -12.01 3.81
N GLY A 1 9.59 16.51 -1.82
CA GLY A 1 10.05 15.15 -2.19
C GLY A 1 8.89 14.24 -2.53
N THR A 2 8.31 14.45 -3.71
CA THR A 2 7.13 13.71 -4.11
C THR A 2 7.51 12.47 -4.91
N ARG A 3 6.53 11.62 -5.17
CA ARG A 3 6.75 10.37 -5.89
C ARG A 3 6.30 10.51 -7.33
N GLY A 4 7.25 10.41 -8.24
CA GLY A 4 6.96 10.61 -9.65
C GLY A 4 7.81 11.72 -10.24
N VAL A 5 9.10 11.71 -9.91
CA VAL A 5 10.01 12.75 -10.35
C VAL A 5 10.81 12.30 -11.56
N ASP A 6 11.47 11.15 -11.43
CA ASP A 6 12.25 10.57 -12.51
C ASP A 6 11.33 9.85 -13.48
N SER A 7 10.07 9.78 -13.09
CA SER A 7 9.04 9.12 -13.87
C SER A 7 8.67 9.93 -15.11
N PRO A 8 8.38 9.23 -16.22
CA PRO A 8 7.97 9.88 -17.48
C PRO A 8 6.52 10.36 -17.43
N SER A 9 5.77 9.84 -16.47
CA SER A 9 4.38 10.24 -16.29
C SER A 9 4.24 11.02 -15.00
N ALA A 10 3.11 11.71 -14.83
CA ALA A 10 2.87 12.48 -13.61
C ALA A 10 2.57 11.55 -12.42
N GLU A 11 1.34 11.05 -12.35
CA GLU A 11 0.94 10.19 -11.25
C GLU A 11 0.86 8.73 -11.66
N LEU A 12 1.09 8.44 -12.92
CA LEU A 12 0.97 7.07 -13.41
C LEU A 12 2.16 6.25 -13.00
N ASP A 13 3.20 6.92 -12.57
CA ASP A 13 4.39 6.28 -12.06
C ASP A 13 4.60 6.66 -10.62
N LYS A 14 3.53 7.16 -10.01
CA LYS A 14 3.55 7.55 -8.61
C LYS A 14 3.61 6.31 -7.74
N LYS A 15 3.14 5.20 -8.29
CA LYS A 15 3.20 3.92 -7.60
C LYS A 15 4.61 3.36 -7.61
N ALA A 16 5.41 3.78 -6.64
CA ALA A 16 6.77 3.27 -6.49
C ALA A 16 6.70 1.84 -6.00
N ASN A 17 5.60 1.55 -5.33
CA ASN A 17 5.29 0.22 -4.86
C ASN A 17 3.81 0.15 -4.52
N LEU A 18 3.01 1.04 -5.14
CA LEU A 18 1.63 1.20 -4.75
C LEU A 18 0.74 0.30 -5.60
N LEU A 19 -0.33 -0.14 -4.99
CA LEU A 19 -1.40 -0.87 -5.65
C LEU A 19 -2.65 -0.46 -4.93
N LYS A 20 -3.82 -0.94 -5.32
CA LYS A 20 -4.99 -0.36 -4.71
C LYS A 20 -6.10 -1.36 -4.42
N CYS A 21 -6.76 -1.04 -3.32
CA CYS A 21 -7.94 -1.73 -2.83
C CYS A 21 -9.00 -1.85 -3.91
N GLU A 22 -9.14 -3.03 -4.51
CA GLU A 22 -10.14 -3.25 -5.55
C GLU A 22 -11.58 -3.18 -5.04
N TYR A 23 -11.75 -2.58 -3.88
CA TYR A 23 -13.08 -2.29 -3.36
C TYR A 23 -13.37 -0.80 -3.51
N CYS A 24 -12.39 0.04 -3.16
CA CYS A 24 -12.54 1.49 -3.22
C CYS A 24 -11.64 2.13 -4.27
N GLY A 25 -10.51 1.50 -4.57
CA GLY A 25 -9.67 1.98 -5.65
C GLY A 25 -8.62 2.95 -5.17
N LYS A 26 -8.37 2.95 -3.87
CA LYS A 26 -7.41 3.88 -3.29
C LYS A 26 -6.01 3.29 -3.35
N TYR A 27 -5.05 4.08 -3.84
CA TYR A 27 -3.69 3.62 -4.05
C TYR A 27 -2.88 3.82 -2.79
N ALA A 28 -2.07 2.83 -2.45
CA ALA A 28 -1.29 2.85 -1.24
C ALA A 28 -0.13 1.87 -1.36
N PRO A 29 0.90 2.00 -0.51
CA PRO A 29 2.07 1.14 -0.55
C PRO A 29 1.73 -0.29 -0.18
N ALA A 30 2.14 -1.21 -1.06
CA ALA A 30 1.88 -2.65 -0.91
C ALA A 30 2.08 -3.17 0.52
N GLU A 31 2.98 -2.52 1.26
CA GLU A 31 3.33 -2.91 2.63
C GLU A 31 2.11 -2.93 3.56
N GLN A 32 1.22 -1.95 3.40
CA GLN A 32 0.06 -1.84 4.27
C GLN A 32 -1.00 -2.88 3.93
N PHE A 33 -0.91 -3.44 2.72
CA PHE A 33 -1.80 -4.52 2.31
C PHE A 33 -1.49 -5.82 3.06
N ARG A 34 -1.68 -5.77 4.36
CA ARG A 34 -1.55 -6.93 5.23
C ARG A 34 -2.78 -7.83 5.10
N GLY A 35 -3.91 -7.22 4.74
CA GLY A 35 -5.10 -7.99 4.46
C GLY A 35 -5.18 -8.37 3.00
N SER A 36 -4.09 -8.95 2.49
CA SER A 36 -3.93 -9.30 1.08
C SER A 36 -3.70 -8.06 0.23
N LYS A 37 -2.85 -8.18 -0.79
CA LYS A 37 -2.56 -7.08 -1.70
C LYS A 37 -3.71 -6.92 -2.69
N ARG A 38 -4.89 -6.66 -2.15
CA ARG A 38 -6.12 -6.61 -2.93
C ARG A 38 -7.04 -5.55 -2.33
N PHE A 39 -6.95 -5.38 -1.01
CA PHE A 39 -7.72 -4.37 -0.30
C PHE A 39 -6.83 -3.74 0.75
N CYS A 40 -6.86 -2.42 0.89
CA CYS A 40 -5.88 -1.75 1.72
C CYS A 40 -6.13 -1.99 3.21
N SER A 41 -5.35 -2.90 3.80
CA SER A 41 -5.19 -2.99 5.25
C SER A 41 -6.28 -3.88 5.86
N MET A 42 -6.69 -3.58 7.08
CA MET A 42 -7.61 -4.45 7.82
C MET A 42 -9.06 -4.15 7.48
N THR A 43 -9.49 -2.92 7.76
CA THR A 43 -10.83 -2.44 7.47
C THR A 43 -11.30 -2.81 6.06
N CYS A 44 -10.45 -2.64 5.07
CA CYS A 44 -10.81 -2.98 3.70
C CYS A 44 -10.92 -4.47 3.48
N ALA A 45 -9.99 -5.25 4.04
CA ALA A 45 -10.07 -6.71 3.94
C ALA A 45 -11.34 -7.20 4.62
N LYS A 46 -11.62 -6.61 5.78
CA LYS A 46 -12.83 -6.91 6.52
C LYS A 46 -14.06 -6.53 5.71
N ARG A 47 -13.97 -5.43 4.99
CA ARG A 47 -15.11 -4.87 4.28
C ARG A 47 -15.60 -5.81 3.19
N TYR A 48 -14.67 -6.54 2.57
CA TYR A 48 -15.05 -7.45 1.49
C TYR A 48 -15.36 -8.84 2.02
N ASN A 49 -15.75 -8.94 3.28
CA ASN A 49 -16.16 -10.21 3.85
C ASN A 49 -17.58 -10.54 3.40
N GLY A 1 19.24 2.24 4.88
CA GLY A 1 20.12 2.59 3.73
C GLY A 1 19.38 3.41 2.69
N THR A 2 20.00 3.57 1.52
CA THR A 2 19.41 4.36 0.45
C THR A 2 18.28 3.61 -0.25
N ARG A 3 17.19 3.39 0.46
CA ARG A 3 16.02 2.74 -0.08
C ARG A 3 14.78 3.24 0.65
N GLY A 4 14.86 4.46 1.16
CA GLY A 4 13.81 5.00 1.97
C GLY A 4 13.98 4.63 3.43
N VAL A 5 13.45 5.44 4.32
CA VAL A 5 13.58 5.18 5.75
C VAL A 5 12.21 4.82 6.33
N ASP A 6 11.22 4.74 5.44
CA ASP A 6 9.83 4.43 5.80
C ASP A 6 9.24 5.48 6.74
N SER A 7 9.95 6.58 6.90
CA SER A 7 9.46 7.68 7.71
C SER A 7 8.41 8.47 6.93
N PRO A 8 7.46 9.12 7.64
CA PRO A 8 6.34 9.85 7.03
C PRO A 8 6.76 11.11 6.27
N SER A 9 7.90 11.05 5.62
CA SER A 9 8.37 12.12 4.76
C SER A 9 8.21 11.68 3.32
N ALA A 10 8.94 12.30 2.41
CA ALA A 10 8.88 11.94 0.98
C ALA A 10 9.27 10.48 0.78
N GLU A 11 10.08 9.96 1.70
CA GLU A 11 10.57 8.60 1.63
C GLU A 11 9.44 7.57 1.77
N LEU A 12 8.35 7.96 2.41
CA LEU A 12 7.29 7.02 2.73
C LEU A 12 6.60 6.53 1.48
N ASP A 13 6.59 7.38 0.48
CA ASP A 13 5.99 7.05 -0.80
C ASP A 13 7.08 6.98 -1.86
N LYS A 14 8.33 7.03 -1.40
CA LYS A 14 9.47 7.07 -2.30
C LYS A 14 9.64 5.72 -2.99
N LYS A 15 9.04 4.69 -2.40
CA LYS A 15 9.12 3.34 -2.94
C LYS A 15 8.33 3.23 -4.24
N ALA A 16 7.24 4.01 -4.32
CA ALA A 16 6.42 4.14 -5.52
C ALA A 16 5.70 2.84 -5.90
N ASN A 17 5.96 1.78 -5.16
CA ASN A 17 5.31 0.49 -5.40
C ASN A 17 3.89 0.51 -4.84
N LEU A 18 3.04 1.31 -5.48
CA LEU A 18 1.67 1.48 -5.03
C LEU A 18 0.73 0.73 -5.97
N LEU A 19 -0.35 0.25 -5.40
CA LEU A 19 -1.45 -0.38 -6.14
C LEU A 19 -2.71 -0.07 -5.37
N LYS A 20 -3.89 -0.45 -5.86
CA LYS A 20 -5.07 0.04 -5.19
C LYS A 20 -6.13 -1.02 -4.94
N CYS A 21 -6.64 -0.93 -3.72
CA CYS A 21 -7.68 -1.79 -3.17
C CYS A 21 -8.84 -2.00 -4.14
N GLU A 22 -9.06 -3.27 -4.52
CA GLU A 22 -10.16 -3.64 -5.41
C GLU A 22 -11.55 -3.31 -4.85
N TYR A 23 -11.62 -2.77 -3.64
CA TYR A 23 -12.92 -2.44 -3.07
C TYR A 23 -13.20 -0.94 -3.15
N CYS A 24 -12.21 -0.12 -2.78
CA CYS A 24 -12.38 1.33 -2.79
C CYS A 24 -11.46 2.03 -3.80
N GLY A 25 -10.29 1.48 -4.04
CA GLY A 25 -9.40 2.06 -5.03
C GLY A 25 -8.38 2.99 -4.42
N LYS A 26 -8.03 2.75 -3.16
CA LYS A 26 -7.00 3.54 -2.50
C LYS A 26 -5.62 3.11 -3.00
N TYR A 27 -4.85 4.07 -3.51
CA TYR A 27 -3.49 3.79 -3.95
C TYR A 27 -2.57 3.94 -2.76
N ALA A 28 -1.83 2.89 -2.48
CA ALA A 28 -1.02 2.84 -1.28
C ALA A 28 0.12 1.86 -1.46
N PRO A 29 1.14 1.93 -0.61
CA PRO A 29 2.28 1.02 -0.69
C PRO A 29 1.88 -0.41 -0.37
N ALA A 30 2.31 -1.32 -1.23
CA ALA A 30 2.04 -2.76 -1.10
C ALA A 30 2.23 -3.27 0.33
N GLU A 31 3.11 -2.59 1.06
CA GLU A 31 3.40 -2.91 2.46
C GLU A 31 2.13 -2.84 3.31
N GLN A 32 1.27 -1.89 3.00
CA GLN A 32 0.08 -1.62 3.80
C GLN A 32 -1.02 -2.61 3.44
N PHE A 33 -0.99 -3.10 2.20
CA PHE A 33 -1.92 -4.12 1.74
C PHE A 33 -1.67 -5.47 2.40
N ARG A 34 -1.72 -5.46 3.71
CA ARG A 34 -1.59 -6.66 4.54
C ARG A 34 -2.90 -7.42 4.58
N GLY A 35 -3.78 -7.11 3.64
CA GLY A 35 -4.88 -7.97 3.35
C GLY A 35 -4.50 -8.96 2.25
N SER A 36 -3.23 -9.39 2.30
CA SER A 36 -2.65 -10.28 1.31
C SER A 36 -2.69 -9.67 -0.10
N LYS A 37 -2.36 -8.38 -0.18
CA LYS A 37 -2.19 -7.68 -1.45
C LYS A 37 -3.40 -7.86 -2.35
N ARG A 38 -4.55 -7.48 -1.83
CA ARG A 38 -5.81 -7.59 -2.54
C ARG A 38 -6.64 -6.39 -2.15
N PHE A 39 -6.59 -6.08 -0.87
CA PHE A 39 -7.24 -4.93 -0.33
C PHE A 39 -6.27 -4.23 0.60
N CYS A 40 -6.54 -2.99 0.89
CA CYS A 40 -5.80 -2.25 1.90
C CYS A 40 -6.11 -2.86 3.29
N SER A 41 -5.91 -2.12 4.37
CA SER A 41 -5.80 -2.71 5.70
C SER A 41 -7.15 -3.32 6.19
N MET A 42 -7.36 -3.36 7.50
CA MET A 42 -8.35 -4.28 8.07
C MET A 42 -9.77 -3.88 7.74
N THR A 43 -10.10 -2.61 7.94
CA THR A 43 -11.40 -2.06 7.58
C THR A 43 -11.84 -2.49 6.18
N CYS A 44 -10.97 -2.31 5.22
CA CYS A 44 -11.29 -2.61 3.82
C CYS A 44 -11.39 -4.11 3.54
N ALA A 45 -10.35 -4.86 3.90
CA ALA A 45 -10.33 -6.29 3.66
C ALA A 45 -11.52 -6.98 4.31
N LYS A 46 -11.79 -6.66 5.58
CA LYS A 46 -12.85 -7.33 6.32
C LYS A 46 -14.21 -7.03 5.72
N ARG A 47 -14.37 -5.85 5.14
CA ARG A 47 -15.66 -5.43 4.63
C ARG A 47 -16.01 -6.20 3.37
N TYR A 48 -14.98 -6.70 2.70
CA TYR A 48 -15.18 -7.53 1.52
C TYR A 48 -15.39 -8.98 1.96
N ASN A 49 -15.09 -9.25 3.23
CA ASN A 49 -15.27 -10.57 3.85
C ASN A 49 -14.26 -11.57 3.29
N GLY A 1 9.58 22.49 -1.01
CA GLY A 1 8.77 21.29 -1.27
C GLY A 1 9.26 20.09 -0.50
N THR A 2 8.33 19.31 0.03
CA THR A 2 8.68 18.13 0.78
C THR A 2 8.77 16.92 -0.15
N ARG A 3 9.98 16.57 -0.55
CA ARG A 3 10.20 15.40 -1.38
C ARG A 3 10.56 14.22 -0.48
N GLY A 4 11.36 14.48 0.54
CA GLY A 4 11.74 13.45 1.48
C GLY A 4 12.94 13.84 2.31
N VAL A 5 12.72 14.03 3.61
CA VAL A 5 13.79 14.41 4.52
C VAL A 5 14.32 13.17 5.25
N ASP A 6 15.33 12.55 4.64
CA ASP A 6 15.96 11.34 5.19
C ASP A 6 14.99 10.16 5.19
N SER A 7 15.30 9.16 4.37
CA SER A 7 14.45 7.98 4.23
C SER A 7 14.15 7.32 5.58
N PRO A 8 12.87 7.23 5.96
CA PRO A 8 12.45 6.59 7.22
C PRO A 8 12.51 5.07 7.13
N SER A 9 12.72 4.58 5.92
CA SER A 9 12.82 3.16 5.65
C SER A 9 13.58 2.95 4.34
N ALA A 10 14.32 1.85 4.26
CA ALA A 10 15.14 1.56 3.09
C ALA A 10 14.30 1.03 1.94
N GLU A 11 13.37 0.14 2.25
CA GLU A 11 12.47 -0.41 1.25
C GLU A 11 11.29 0.53 1.06
N LEU A 12 10.68 0.91 2.18
CA LEU A 12 9.56 1.83 2.15
C LEU A 12 10.08 3.27 2.10
N ASP A 13 10.98 3.52 1.16
CA ASP A 13 11.58 4.84 0.99
C ASP A 13 10.54 5.83 0.48
N LYS A 14 9.90 6.53 1.43
CA LYS A 14 8.97 7.63 1.12
C LYS A 14 7.70 7.11 0.47
N LYS A 15 7.69 5.81 0.22
CA LYS A 15 6.58 5.08 -0.40
C LYS A 15 6.51 5.35 -1.89
N ALA A 16 6.70 4.30 -2.66
CA ALA A 16 6.71 4.38 -4.12
C ALA A 16 6.65 2.98 -4.71
N ASN A 17 5.61 2.28 -4.31
CA ASN A 17 5.36 0.90 -4.75
C ASN A 17 3.88 0.64 -4.56
N LEU A 18 3.06 1.43 -5.22
CA LEU A 18 1.66 1.50 -4.90
C LEU A 18 0.84 0.57 -5.78
N LEU A 19 -0.24 0.08 -5.20
CA LEU A 19 -1.27 -0.67 -5.89
C LEU A 19 -2.54 -0.32 -5.17
N LYS A 20 -3.68 -0.83 -5.55
CA LYS A 20 -4.87 -0.32 -4.90
C LYS A 20 -5.95 -1.34 -4.65
N CYS A 21 -6.53 -1.15 -3.48
CA CYS A 21 -7.67 -1.86 -2.94
C CYS A 21 -8.79 -2.00 -3.95
N GLU A 22 -8.94 -3.19 -4.54
CA GLU A 22 -9.96 -3.43 -5.58
C GLU A 22 -11.38 -3.42 -5.03
N TYR A 23 -11.59 -2.80 -3.87
CA TYR A 23 -12.93 -2.55 -3.39
C TYR A 23 -13.26 -1.05 -3.49
N CYS A 24 -12.39 -0.21 -2.95
CA CYS A 24 -12.62 1.23 -2.95
C CYS A 24 -11.70 1.94 -3.95
N GLY A 25 -10.57 1.33 -4.27
CA GLY A 25 -9.76 1.81 -5.36
C GLY A 25 -8.70 2.79 -4.92
N LYS A 26 -8.39 2.82 -3.64
CA LYS A 26 -7.39 3.75 -3.13
C LYS A 26 -5.99 3.17 -3.27
N TYR A 27 -5.08 3.99 -3.78
CA TYR A 27 -3.70 3.61 -4.02
C TYR A 27 -2.87 3.88 -2.78
N ALA A 28 -2.03 2.91 -2.45
CA ALA A 28 -1.25 2.93 -1.23
C ALA A 28 -0.08 1.97 -1.36
N PRO A 29 0.92 2.04 -0.45
CA PRO A 29 2.06 1.13 -0.48
C PRO A 29 1.63 -0.31 -0.23
N ALA A 30 2.08 -1.20 -1.12
CA ALA A 30 1.81 -2.64 -1.05
C ALA A 30 1.98 -3.21 0.35
N GLU A 31 2.83 -2.55 1.11
CA GLU A 31 3.15 -2.95 2.48
C GLU A 31 1.93 -2.86 3.39
N GLN A 32 1.00 -1.96 3.07
CA GLN A 32 -0.17 -1.75 3.90
C GLN A 32 -1.12 -2.92 3.76
N PHE A 33 -1.09 -3.55 2.58
CA PHE A 33 -1.97 -4.66 2.28
C PHE A 33 -1.57 -5.93 3.02
N ARG A 34 -1.70 -5.90 4.34
CA ARG A 34 -1.44 -7.06 5.19
C ARG A 34 -2.61 -8.04 5.14
N GLY A 35 -3.81 -7.50 5.05
CA GLY A 35 -4.99 -8.35 4.94
C GLY A 35 -5.23 -8.75 3.50
N SER A 36 -4.22 -9.38 2.89
CA SER A 36 -4.22 -9.73 1.48
C SER A 36 -3.95 -8.50 0.62
N LYS A 37 -3.19 -8.70 -0.45
CA LYS A 37 -2.71 -7.62 -1.31
C LYS A 37 -3.82 -7.08 -2.21
N ARG A 38 -5.06 -7.39 -1.87
CA ARG A 38 -6.23 -6.98 -2.62
C ARG A 38 -6.85 -5.72 -2.03
N PHE A 39 -6.71 -5.55 -0.72
CA PHE A 39 -7.43 -4.49 -0.01
C PHE A 39 -6.50 -3.81 0.98
N CYS A 40 -6.62 -2.49 1.08
CA CYS A 40 -5.71 -1.72 1.91
C CYS A 40 -6.01 -1.96 3.40
N SER A 41 -5.22 -2.81 4.01
CA SER A 41 -5.19 -3.00 5.47
C SER A 41 -6.35 -3.94 5.83
N MET A 42 -6.73 -4.04 7.10
CA MET A 42 -7.79 -4.97 7.46
C MET A 42 -9.18 -4.35 7.41
N THR A 43 -9.33 -3.12 7.88
CA THR A 43 -10.62 -2.42 7.78
C THR A 43 -11.23 -2.53 6.38
N CYS A 44 -10.41 -2.36 5.36
CA CYS A 44 -10.87 -2.51 3.99
C CYS A 44 -11.08 -3.98 3.63
N ALA A 45 -10.16 -4.81 4.08
CA ALA A 45 -10.24 -6.25 3.85
C ALA A 45 -11.53 -6.84 4.39
N LYS A 46 -11.92 -6.39 5.59
CA LYS A 46 -13.15 -6.86 6.23
C LYS A 46 -14.36 -6.47 5.40
N ARG A 47 -14.27 -5.26 4.85
CA ARG A 47 -15.38 -4.63 4.15
C ARG A 47 -15.72 -5.38 2.88
N TYR A 48 -14.75 -6.15 2.39
CA TYR A 48 -14.96 -6.98 1.21
C TYR A 48 -16.10 -7.97 1.43
N ASN A 49 -16.13 -8.57 2.61
CA ASN A 49 -17.07 -9.63 2.94
C ASN A 49 -17.21 -9.79 4.45
N GLY A 1 19.94 16.60 -0.50
CA GLY A 1 20.40 15.47 -1.36
C GLY A 1 19.48 14.27 -1.24
N THR A 2 19.96 13.12 -1.69
CA THR A 2 19.15 11.90 -1.69
C THR A 2 19.04 11.33 -0.28
N ARG A 3 17.82 11.35 0.23
CA ARG A 3 17.52 10.74 1.53
C ARG A 3 16.64 9.51 1.32
N GLY A 4 17.26 8.41 0.94
CA GLY A 4 16.51 7.21 0.64
C GLY A 4 16.59 6.20 1.77
N VAL A 5 16.87 6.69 2.96
CA VAL A 5 16.99 5.83 4.14
C VAL A 5 15.91 6.19 5.15
N ASP A 6 14.79 5.50 5.07
CA ASP A 6 13.65 5.69 5.98
C ASP A 6 13.11 7.11 5.86
N SER A 7 12.32 7.33 4.83
CA SER A 7 11.76 8.65 4.55
C SER A 7 10.37 8.53 3.92
N PRO A 8 9.35 9.12 4.56
CA PRO A 8 7.96 9.03 4.10
C PRO A 8 7.71 9.79 2.79
N SER A 9 8.55 10.78 2.50
CA SER A 9 8.44 11.53 1.25
C SER A 9 9.61 11.20 0.33
N ALA A 10 10.80 11.12 0.90
CA ALA A 10 12.03 10.99 0.12
C ALA A 10 12.32 9.55 -0.27
N GLU A 11 11.37 8.65 -0.04
CA GLU A 11 11.52 7.27 -0.51
C GLU A 11 10.43 6.92 -1.49
N LEU A 12 9.72 7.91 -1.99
CA LEU A 12 8.61 7.62 -2.90
C LEU A 12 9.14 7.34 -4.30
N ASP A 13 10.46 7.27 -4.38
CA ASP A 13 11.16 6.91 -5.60
C ASP A 13 11.74 5.51 -5.47
N LYS A 14 11.17 4.74 -4.56
CA LYS A 14 11.72 3.44 -4.21
C LYS A 14 10.66 2.58 -3.54
N LYS A 15 9.99 3.15 -2.55
CA LYS A 15 8.91 2.45 -1.85
C LYS A 15 7.56 2.70 -2.52
N ALA A 16 7.57 2.81 -3.83
CA ALA A 16 6.35 3.03 -4.57
C ALA A 16 5.55 1.74 -4.61
N ASN A 17 5.85 0.91 -5.60
CA ASN A 17 5.21 -0.39 -5.79
C ASN A 17 3.74 -0.35 -5.36
N LEU A 18 2.99 0.58 -5.92
CA LEU A 18 1.65 0.84 -5.48
C LEU A 18 0.66 -0.05 -6.21
N LEU A 19 -0.42 -0.34 -5.53
CA LEU A 19 -1.56 -1.01 -6.11
C LEU A 19 -2.75 -0.49 -5.34
N LYS A 20 -3.97 -0.88 -5.66
CA LYS A 20 -5.07 -0.26 -4.95
C LYS A 20 -6.15 -1.24 -4.56
N CYS A 21 -6.63 -0.97 -3.36
CA CYS A 21 -7.75 -1.63 -2.72
C CYS A 21 -8.92 -1.79 -3.69
N GLU A 22 -9.20 -3.03 -4.10
CA GLU A 22 -10.30 -3.36 -5.01
C GLU A 22 -11.67 -2.96 -4.46
N TYR A 23 -11.69 -2.40 -3.26
CA TYR A 23 -12.95 -2.02 -2.64
C TYR A 23 -13.20 -0.52 -2.84
N CYS A 24 -12.20 0.30 -2.56
CA CYS A 24 -12.35 1.75 -2.70
C CYS A 24 -11.43 2.36 -3.76
N GLY A 25 -10.29 1.74 -4.04
CA GLY A 25 -9.44 2.22 -5.11
C GLY A 25 -8.33 3.13 -4.63
N LYS A 26 -8.01 3.05 -3.35
CA LYS A 26 -6.94 3.87 -2.79
C LYS A 26 -5.58 3.28 -3.14
N TYR A 27 -4.70 4.09 -3.71
CA TYR A 27 -3.36 3.65 -4.08
C TYR A 27 -2.43 3.84 -2.89
N ALA A 28 -1.66 2.81 -2.61
CA ALA A 28 -0.82 2.80 -1.43
C ALA A 28 0.33 1.83 -1.62
N PRO A 29 1.43 2.02 -0.87
CA PRO A 29 2.56 1.10 -0.90
C PRO A 29 2.14 -0.27 -0.41
N ALA A 30 2.46 -1.28 -1.21
CA ALA A 30 2.05 -2.68 -0.95
C ALA A 30 2.17 -3.12 0.52
N GLU A 31 3.05 -2.46 1.29
CA GLU A 31 3.22 -2.78 2.71
C GLU A 31 1.94 -2.53 3.51
N GLN A 32 1.11 -1.60 3.06
CA GLN A 32 -0.06 -1.19 3.81
C GLN A 32 -1.21 -2.15 3.48
N PHE A 33 -0.94 -3.09 2.59
CA PHE A 33 -1.96 -4.02 2.14
C PHE A 33 -1.84 -5.31 2.94
N ARG A 34 -2.18 -5.19 4.22
CA ARG A 34 -2.17 -6.31 5.14
C ARG A 34 -3.36 -7.22 4.88
N GLY A 35 -3.14 -8.51 4.92
CA GLY A 35 -4.19 -9.46 4.68
C GLY A 35 -4.16 -9.98 3.27
N SER A 36 -3.90 -9.07 2.34
CA SER A 36 -3.80 -9.40 0.93
C SER A 36 -3.39 -8.16 0.15
N LYS A 37 -2.47 -8.32 -0.80
CA LYS A 37 -2.04 -7.21 -1.66
C LYS A 37 -3.10 -6.94 -2.71
N ARG A 38 -4.32 -6.70 -2.24
CA ARG A 38 -5.51 -6.57 -3.06
C ARG A 38 -6.47 -5.59 -2.40
N PHE A 39 -6.43 -5.52 -1.08
CA PHE A 39 -7.20 -4.55 -0.34
C PHE A 39 -6.29 -3.94 0.70
N CYS A 40 -6.53 -2.70 1.04
CA CYS A 40 -5.81 -2.07 2.11
C CYS A 40 -6.23 -2.71 3.44
N SER A 41 -6.03 -2.03 4.56
CA SER A 41 -5.94 -2.65 5.88
C SER A 41 -7.20 -3.39 6.35
N MET A 42 -7.75 -3.02 7.50
CA MET A 42 -8.67 -3.91 8.20
C MET A 42 -10.09 -3.77 7.67
N THR A 43 -10.59 -2.55 7.66
CA THR A 43 -11.91 -2.25 7.14
C THR A 43 -12.16 -2.95 5.80
N CYS A 44 -11.28 -2.71 4.85
CA CYS A 44 -11.49 -3.18 3.49
C CYS A 44 -11.38 -4.69 3.34
N ALA A 45 -10.27 -5.28 3.80
CA ALA A 45 -10.07 -6.71 3.65
C ALA A 45 -11.15 -7.50 4.35
N LYS A 46 -11.52 -7.10 5.55
CA LYS A 46 -12.53 -7.82 6.32
C LYS A 46 -13.92 -7.64 5.72
N ARG A 47 -14.20 -6.43 5.20
CA ARG A 47 -15.54 -6.09 4.74
C ARG A 47 -15.85 -6.81 3.42
N TYR A 48 -14.81 -7.22 2.72
CA TYR A 48 -14.99 -7.90 1.44
C TYR A 48 -15.29 -9.39 1.64
N ASN A 49 -15.58 -9.79 2.88
CA ASN A 49 -15.97 -11.17 3.15
C ASN A 49 -17.37 -11.42 2.60
N GLY A 1 8.00 4.88 5.04
CA GLY A 1 8.49 3.66 4.35
C GLY A 1 9.29 2.76 5.27
N THR A 2 10.50 3.21 5.62
CA THR A 2 11.39 2.46 6.51
C THR A 2 11.70 1.08 5.93
N ARG A 3 12.14 1.05 4.68
CA ARG A 3 12.46 -0.19 4.02
C ARG A 3 13.63 -0.01 3.06
N GLY A 4 14.80 -0.47 3.48
CA GLY A 4 15.95 -0.45 2.62
C GLY A 4 16.74 -1.74 2.74
N VAL A 5 17.55 -2.04 1.73
CA VAL A 5 18.36 -3.25 1.75
C VAL A 5 19.47 -3.10 2.78
N ASP A 6 20.39 -2.20 2.51
CA ASP A 6 21.45 -1.85 3.46
C ASP A 6 21.86 -0.41 3.21
N SER A 7 21.00 0.51 3.62
CA SER A 7 21.20 1.91 3.32
C SER A 7 21.47 2.71 4.59
N PRO A 8 22.64 3.37 4.65
CA PRO A 8 22.96 4.32 5.72
C PRO A 8 22.39 5.70 5.42
N SER A 9 21.99 5.90 4.17
CA SER A 9 21.41 7.15 3.72
C SER A 9 19.89 7.12 3.89
N ALA A 10 19.24 8.22 3.53
CA ALA A 10 17.80 8.35 3.72
C ALA A 10 17.03 7.69 2.58
N GLU A 11 17.35 6.43 2.30
CA GLU A 11 16.70 5.68 1.23
C GLU A 11 15.45 4.99 1.73
N LEU A 12 15.05 5.29 2.95
CA LEU A 12 13.89 4.62 3.52
C LEU A 12 12.60 5.23 3.00
N ASP A 13 12.76 6.12 2.04
CA ASP A 13 11.63 6.82 1.42
C ASP A 13 11.49 6.39 -0.03
N LYS A 14 12.28 5.40 -0.41
CA LYS A 14 12.31 4.90 -1.78
C LYS A 14 11.06 4.09 -2.11
N LYS A 15 10.36 3.64 -1.08
CA LYS A 15 9.17 2.84 -1.28
C LYS A 15 8.02 3.72 -1.75
N ALA A 16 7.55 3.43 -2.95
CA ALA A 16 6.44 4.16 -3.54
C ALA A 16 5.81 3.32 -4.64
N ASN A 17 5.90 2.01 -4.44
CA ASN A 17 5.26 1.03 -5.31
C ASN A 17 3.81 0.87 -4.92
N LEU A 18 2.94 1.67 -5.49
CA LEU A 18 1.57 1.73 -5.04
C LEU A 18 0.71 0.76 -5.85
N LEU A 19 -0.26 0.19 -5.18
CA LEU A 19 -1.30 -0.61 -5.79
C LEU A 19 -2.53 -0.29 -4.99
N LYS A 20 -3.69 -0.81 -5.33
CA LYS A 20 -4.84 -0.34 -4.61
C LYS A 20 -5.86 -1.41 -4.30
N CYS A 21 -6.53 -1.14 -3.21
CA CYS A 21 -7.67 -1.87 -2.73
C CYS A 21 -8.71 -2.02 -3.83
N GLU A 22 -8.74 -3.19 -4.47
CA GLU A 22 -9.70 -3.49 -5.53
C GLU A 22 -11.14 -3.52 -5.01
N TYR A 23 -11.39 -2.84 -3.90
CA TYR A 23 -12.73 -2.54 -3.47
C TYR A 23 -12.97 -1.04 -3.69
N CYS A 24 -12.56 -0.23 -2.70
CA CYS A 24 -12.69 1.23 -2.81
C CYS A 24 -11.82 1.83 -3.92
N GLY A 25 -10.60 1.31 -4.08
CA GLY A 25 -9.73 1.81 -5.11
C GLY A 25 -8.73 2.84 -4.61
N LYS A 26 -8.38 2.76 -3.34
CA LYS A 26 -7.40 3.68 -2.76
C LYS A 26 -5.99 3.16 -3.01
N TYR A 27 -5.12 4.00 -3.55
CA TYR A 27 -3.76 3.61 -3.88
C TYR A 27 -2.86 3.80 -2.67
N ALA A 28 -2.04 2.79 -2.40
CA ALA A 28 -1.19 2.78 -1.22
C ALA A 28 -0.02 1.84 -1.44
N PRO A 29 1.07 2.00 -0.66
CA PRO A 29 2.24 1.13 -0.78
C PRO A 29 1.90 -0.31 -0.45
N ALA A 30 2.29 -1.19 -1.37
CA ALA A 30 2.07 -2.64 -1.27
C ALA A 30 2.32 -3.22 0.14
N GLU A 31 3.19 -2.57 0.92
CA GLU A 31 3.50 -3.00 2.28
C GLU A 31 2.26 -3.00 3.18
N GLN A 32 1.27 -2.18 2.86
CA GLN A 32 0.06 -2.07 3.69
C GLN A 32 -0.91 -3.18 3.35
N PHE A 33 -0.58 -3.94 2.32
CA PHE A 33 -1.50 -4.92 1.77
C PHE A 33 -1.21 -6.30 2.36
N ARG A 34 -1.08 -6.33 3.68
CA ARG A 34 -0.81 -7.56 4.41
C ARG A 34 -2.10 -8.34 4.64
N GLY A 35 -3.21 -7.76 4.24
CA GLY A 35 -4.46 -8.50 4.18
C GLY A 35 -4.70 -8.99 2.78
N SER A 36 -3.66 -9.60 2.20
CA SER A 36 -3.61 -9.94 0.78
C SER A 36 -3.47 -8.68 -0.07
N LYS A 37 -2.68 -8.80 -1.14
CA LYS A 37 -2.40 -7.68 -2.02
C LYS A 37 -3.60 -7.40 -2.92
N ARG A 38 -4.73 -7.12 -2.29
CA ARG A 38 -6.01 -6.96 -2.97
C ARG A 38 -6.77 -5.81 -2.34
N PHE A 39 -6.64 -5.68 -1.02
CA PHE A 39 -7.32 -4.64 -0.30
C PHE A 39 -6.34 -3.99 0.65
N CYS A 40 -6.64 -2.78 1.08
CA CYS A 40 -5.87 -2.14 2.12
C CYS A 40 -6.11 -2.88 3.45
N SER A 41 -5.82 -2.25 4.59
CA SER A 41 -5.57 -2.98 5.84
C SER A 41 -6.84 -3.68 6.39
N MET A 42 -7.31 -3.30 7.57
CA MET A 42 -8.31 -4.12 8.24
C MET A 42 -9.72 -3.81 7.78
N THR A 43 -10.15 -2.57 7.99
CA THR A 43 -11.48 -2.13 7.61
C THR A 43 -11.87 -2.57 6.20
N CYS A 44 -11.00 -2.34 5.23
CA CYS A 44 -11.32 -2.65 3.84
C CYS A 44 -11.29 -4.14 3.51
N ALA A 45 -10.28 -4.89 3.96
CA ALA A 45 -10.30 -6.33 3.78
C ALA A 45 -11.51 -6.94 4.49
N LYS A 46 -11.85 -6.36 5.63
CA LYS A 46 -13.07 -6.70 6.34
C LYS A 46 -14.32 -6.37 5.51
N ARG A 47 -14.25 -5.24 4.82
CA ARG A 47 -15.36 -4.70 4.04
C ARG A 47 -15.64 -5.57 2.82
N TYR A 48 -14.61 -6.29 2.39
CA TYR A 48 -14.74 -7.26 1.30
C TYR A 48 -15.80 -8.31 1.61
N ASN A 49 -15.98 -8.56 2.91
CA ASN A 49 -16.87 -9.61 3.42
C ASN A 49 -16.25 -10.98 3.20
N GLY A 1 26.36 -1.33 -4.61
CA GLY A 1 26.35 -1.77 -3.20
C GLY A 1 25.08 -1.39 -2.47
N THR A 2 24.50 -0.26 -2.84
CA THR A 2 23.26 0.19 -2.23
C THR A 2 22.39 0.88 -3.28
N ARG A 3 21.22 1.37 -2.87
CA ARG A 3 20.32 2.04 -3.78
C ARG A 3 19.82 3.34 -3.17
N GLY A 4 19.51 4.30 -4.03
CA GLY A 4 18.88 5.53 -3.58
C GLY A 4 19.85 6.52 -2.99
N VAL A 5 19.41 7.77 -2.91
CA VAL A 5 20.20 8.82 -2.29
C VAL A 5 19.79 8.97 -0.83
N ASP A 6 18.49 8.91 -0.61
CA ASP A 6 17.92 8.94 0.72
C ASP A 6 17.01 7.73 0.93
N SER A 7 17.62 6.60 1.20
CA SER A 7 16.87 5.37 1.41
C SER A 7 17.40 4.62 2.64
N PRO A 8 16.52 4.38 3.63
CA PRO A 8 16.86 3.63 4.85
C PRO A 8 17.17 2.17 4.55
N SER A 9 16.27 1.54 3.81
CA SER A 9 16.48 0.17 3.38
C SER A 9 17.11 0.12 2.00
N ALA A 10 18.08 -0.77 1.83
CA ALA A 10 18.75 -0.93 0.55
C ALA A 10 17.89 -1.76 -0.40
N GLU A 11 16.83 -2.35 0.13
CA GLU A 11 15.89 -3.12 -0.69
C GLU A 11 14.61 -2.31 -0.89
N LEU A 12 14.16 -1.67 0.17
CA LEU A 12 13.00 -0.82 0.09
C LEU A 12 13.43 0.62 -0.19
N ASP A 13 14.14 0.81 -1.30
CA ASP A 13 14.70 2.11 -1.66
C ASP A 13 13.63 3.07 -2.16
N LYS A 14 12.83 3.58 -1.22
CA LYS A 14 11.76 4.55 -1.51
C LYS A 14 10.61 3.87 -2.26
N LYS A 15 10.86 3.54 -3.52
CA LYS A 15 9.91 2.81 -4.37
C LYS A 15 8.66 3.64 -4.69
N ALA A 16 7.79 3.82 -3.71
CA ALA A 16 6.48 4.42 -3.93
C ALA A 16 5.68 3.58 -4.92
N ASN A 17 5.89 2.27 -4.86
CA ASN A 17 5.13 1.34 -5.68
C ASN A 17 3.75 1.11 -5.08
N LEU A 18 2.82 1.94 -5.47
CA LEU A 18 1.47 1.89 -4.96
C LEU A 18 0.60 1.03 -5.84
N LEU A 19 -0.36 0.37 -5.23
CA LEU A 19 -1.36 -0.39 -5.95
C LEU A 19 -2.64 -0.30 -5.16
N LYS A 20 -3.77 -0.21 -5.85
CA LYS A 20 -4.97 0.20 -5.15
C LYS A 20 -5.88 -0.97 -4.79
N CYS A 21 -6.35 -0.89 -3.55
CA CYS A 21 -7.32 -1.79 -2.98
C CYS A 21 -8.52 -2.01 -3.91
N GLU A 22 -8.66 -3.22 -4.43
CA GLU A 22 -9.72 -3.57 -5.38
C GLU A 22 -11.13 -3.56 -4.77
N TYR A 23 -11.33 -2.88 -3.65
CA TYR A 23 -12.67 -2.64 -3.16
C TYR A 23 -13.04 -1.17 -3.30
N CYS A 24 -12.09 -0.30 -3.02
CA CYS A 24 -12.33 1.14 -3.07
C CYS A 24 -11.52 1.83 -4.16
N GLY A 25 -10.32 1.33 -4.42
CA GLY A 25 -9.50 1.91 -5.47
C GLY A 25 -8.51 2.88 -4.91
N LYS A 26 -8.23 2.76 -3.62
CA LYS A 26 -7.34 3.69 -2.95
C LYS A 26 -5.91 3.25 -3.13
N TYR A 27 -5.04 4.16 -3.52
CA TYR A 27 -3.65 3.82 -3.77
C TYR A 27 -2.85 3.85 -2.49
N ALA A 28 -2.11 2.79 -2.27
CA ALA A 28 -1.33 2.62 -1.06
C ALA A 28 -0.11 1.77 -1.36
N PRO A 29 0.96 1.94 -0.59
CA PRO A 29 2.17 1.15 -0.74
C PRO A 29 1.90 -0.31 -0.42
N ALA A 30 2.32 -1.18 -1.34
CA ALA A 30 2.16 -2.63 -1.23
C ALA A 30 2.45 -3.18 0.18
N GLU A 31 3.26 -2.48 0.95
CA GLU A 31 3.60 -2.88 2.31
C GLU A 31 2.38 -2.93 3.24
N GLN A 32 1.34 -2.15 2.92
CA GLN A 32 0.16 -2.08 3.78
C GLN A 32 -0.77 -3.25 3.47
N PHE A 33 -0.41 -4.03 2.47
CA PHE A 33 -1.29 -5.06 1.95
C PHE A 33 -0.95 -6.39 2.59
N ARG A 34 -0.86 -6.39 3.91
CA ARG A 34 -0.64 -7.58 4.69
C ARG A 34 -1.96 -8.31 4.85
N GLY A 35 -1.94 -9.63 4.74
CA GLY A 35 -3.16 -10.40 4.76
C GLY A 35 -3.62 -10.71 3.36
N SER A 36 -3.76 -9.68 2.54
CA SER A 36 -4.15 -9.85 1.15
C SER A 36 -3.72 -8.65 0.32
N LYS A 37 -3.09 -8.92 -0.82
CA LYS A 37 -2.66 -7.88 -1.76
C LYS A 37 -3.86 -7.37 -2.56
N ARG A 38 -5.05 -7.72 -2.11
CA ARG A 38 -6.30 -7.41 -2.79
C ARG A 38 -6.91 -6.13 -2.23
N PHE A 39 -6.77 -5.94 -0.94
CA PHE A 39 -7.36 -4.81 -0.28
C PHE A 39 -6.33 -4.12 0.57
N CYS A 40 -6.63 -2.92 0.98
CA CYS A 40 -5.86 -2.23 1.99
C CYS A 40 -6.06 -2.95 3.33
N SER A 41 -5.83 -2.27 4.45
CA SER A 41 -5.58 -2.95 5.72
C SER A 41 -6.82 -3.68 6.28
N MET A 42 -7.21 -3.39 7.51
CA MET A 42 -8.18 -4.25 8.17
C MET A 42 -9.60 -3.91 7.76
N THR A 43 -9.99 -2.67 8.00
CA THR A 43 -11.33 -2.20 7.70
C THR A 43 -11.81 -2.63 6.31
N CYS A 44 -10.98 -2.43 5.29
CA CYS A 44 -11.42 -2.70 3.94
C CYS A 44 -11.51 -4.20 3.64
N ALA A 45 -10.49 -4.96 4.03
CA ALA A 45 -10.55 -6.40 3.88
C ALA A 45 -11.76 -6.96 4.62
N LYS A 46 -12.07 -6.39 5.80
CA LYS A 46 -13.27 -6.77 6.53
C LYS A 46 -14.54 -6.41 5.75
N ARG A 47 -14.46 -5.26 5.08
CA ARG A 47 -15.59 -4.68 4.36
C ARG A 47 -15.98 -5.51 3.15
N TYR A 48 -15.03 -6.28 2.63
CA TYR A 48 -15.32 -7.19 1.52
C TYR A 48 -16.44 -8.16 1.89
N ASN A 49 -16.53 -8.43 3.20
CA ASN A 49 -17.51 -9.34 3.76
C ASN A 49 -17.30 -10.75 3.23
N GLY A 1 18.52 11.09 5.85
CA GLY A 1 19.35 9.97 5.35
C GLY A 1 18.99 9.60 3.92
N THR A 2 18.53 8.37 3.73
CA THR A 2 18.14 7.90 2.42
C THR A 2 16.72 8.36 2.08
N ARG A 3 16.63 9.41 1.28
CA ARG A 3 15.35 9.96 0.88
C ARG A 3 15.16 9.82 -0.62
N GLY A 4 13.91 9.79 -1.05
CA GLY A 4 13.61 9.73 -2.47
C GLY A 4 13.85 11.05 -3.16
N VAL A 5 15.00 11.17 -3.82
CA VAL A 5 15.35 12.36 -4.58
C VAL A 5 15.75 11.97 -5.99
N ASP A 6 14.75 11.69 -6.82
CA ASP A 6 14.97 11.17 -8.17
C ASP A 6 15.89 9.96 -8.15
N SER A 7 15.68 9.11 -7.16
CA SER A 7 16.48 7.91 -6.98
C SER A 7 16.21 6.93 -8.11
N PRO A 8 17.27 6.34 -8.69
CA PRO A 8 17.17 5.38 -9.80
C PRO A 8 16.62 4.01 -9.37
N SER A 9 15.84 4.01 -8.31
CA SER A 9 15.21 2.82 -7.79
C SER A 9 13.89 3.22 -7.17
N ALA A 10 12.80 2.66 -7.69
CA ALA A 10 11.45 3.05 -7.29
C ALA A 10 11.21 2.78 -5.81
N GLU A 11 11.85 1.74 -5.30
CA GLU A 11 11.70 1.35 -3.89
C GLU A 11 12.07 2.49 -2.94
N LEU A 12 12.91 3.40 -3.40
CA LEU A 12 13.43 4.45 -2.54
C LEU A 12 12.45 5.61 -2.43
N ASP A 13 11.22 5.38 -2.84
CA ASP A 13 10.15 6.37 -2.72
C ASP A 13 9.43 6.16 -1.40
N LYS A 14 9.88 5.15 -0.67
CA LYS A 14 9.31 4.76 0.63
C LYS A 14 7.98 4.03 0.45
N LYS A 15 6.95 4.74 0.01
CA LYS A 15 5.69 4.11 -0.31
C LYS A 15 5.82 3.40 -1.65
N ALA A 16 6.41 4.11 -2.62
CA ALA A 16 6.89 3.53 -3.86
C ALA A 16 5.85 2.69 -4.59
N ASN A 17 5.88 1.40 -4.35
CA ASN A 17 5.01 0.43 -5.03
C ASN A 17 3.57 0.51 -4.50
N LEU A 18 2.76 1.33 -5.15
CA LEU A 18 1.38 1.47 -4.73
C LEU A 18 0.49 0.68 -5.67
N LEU A 19 -0.51 0.04 -5.10
CA LEU A 19 -1.53 -0.66 -5.87
C LEU A 19 -2.84 -0.48 -5.15
N LYS A 20 -3.92 -0.34 -5.89
CA LYS A 20 -5.13 0.12 -5.26
C LYS A 20 -6.07 -1.02 -4.85
N CYS A 21 -6.55 -0.86 -3.63
CA CYS A 21 -7.60 -1.64 -3.02
C CYS A 21 -8.75 -1.88 -3.98
N GLU A 22 -8.86 -3.11 -4.50
CA GLU A 22 -9.89 -3.45 -5.50
C GLU A 22 -11.31 -3.37 -4.93
N TYR A 23 -11.47 -2.76 -3.75
CA TYR A 23 -12.78 -2.55 -3.17
C TYR A 23 -13.18 -1.09 -3.34
N CYS A 24 -12.26 -0.18 -3.02
CA CYS A 24 -12.54 1.25 -3.11
C CYS A 24 -11.67 1.96 -4.15
N GLY A 25 -10.51 1.42 -4.47
CA GLY A 25 -9.72 1.98 -5.55
C GLY A 25 -8.68 2.97 -5.06
N LYS A 26 -8.39 2.96 -3.78
CA LYS A 26 -7.42 3.88 -3.22
C LYS A 26 -6.02 3.29 -3.31
N TYR A 27 -5.06 4.09 -3.72
CA TYR A 27 -3.69 3.64 -3.90
C TYR A 27 -2.93 3.72 -2.58
N ALA A 28 -2.21 2.66 -2.29
CA ALA A 28 -1.46 2.56 -1.06
C ALA A 28 -0.30 1.60 -1.23
N PRO A 29 0.75 1.71 -0.39
CA PRO A 29 1.93 0.85 -0.49
C PRO A 29 1.60 -0.57 -0.12
N ALA A 30 2.02 -1.50 -0.99
CA ALA A 30 1.79 -2.94 -0.82
C ALA A 30 2.07 -3.44 0.61
N GLU A 31 2.99 -2.75 1.30
CA GLU A 31 3.35 -3.09 2.68
C GLU A 31 2.13 -3.06 3.60
N GLN A 32 1.20 -2.16 3.30
CA GLN A 32 0.03 -1.97 4.11
C GLN A 32 -0.99 -3.08 3.83
N PHE A 33 -0.93 -3.63 2.63
CA PHE A 33 -1.81 -4.72 2.21
C PHE A 33 -1.50 -6.04 2.94
N ARG A 34 -1.67 -6.01 4.25
CA ARG A 34 -1.59 -7.21 5.08
C ARG A 34 -2.89 -7.99 4.96
N GLY A 35 -2.76 -9.30 4.91
CA GLY A 35 -3.91 -10.16 4.69
C GLY A 35 -4.06 -10.49 3.22
N SER A 36 -4.18 -9.47 2.40
CA SER A 36 -4.26 -9.65 0.95
C SER A 36 -3.76 -8.41 0.22
N LYS A 37 -2.93 -8.62 -0.78
CA LYS A 37 -2.49 -7.54 -1.68
C LYS A 37 -3.61 -7.21 -2.65
N ARG A 38 -4.77 -6.91 -2.10
CA ARG A 38 -5.99 -6.71 -2.84
C ARG A 38 -6.80 -5.60 -2.21
N PHE A 39 -6.70 -5.47 -0.88
CA PHE A 39 -7.48 -4.48 -0.15
C PHE A 39 -6.57 -3.76 0.83
N CYS A 40 -6.68 -2.45 0.91
CA CYS A 40 -5.78 -1.70 1.73
C CYS A 40 -6.12 -1.87 3.22
N SER A 41 -5.35 -2.72 3.91
CA SER A 41 -5.25 -2.73 5.37
C SER A 41 -6.38 -3.58 5.97
N MET A 42 -6.77 -3.32 7.21
CA MET A 42 -7.70 -4.19 7.92
C MET A 42 -9.16 -3.91 7.53
N THR A 43 -9.57 -2.66 7.70
CA THR A 43 -10.92 -2.21 7.35
C THR A 43 -11.40 -2.74 5.99
N CYS A 44 -10.62 -2.49 4.96
CA CYS A 44 -11.02 -2.84 3.61
C CYS A 44 -11.09 -4.34 3.38
N ALA A 45 -10.06 -5.06 3.81
CA ALA A 45 -10.05 -6.51 3.66
C ALA A 45 -11.22 -7.13 4.40
N LYS A 46 -11.46 -6.62 5.60
CA LYS A 46 -12.57 -7.04 6.44
C LYS A 46 -13.91 -6.74 5.78
N ARG A 47 -14.06 -5.54 5.23
CA ARG A 47 -15.35 -5.06 4.81
C ARG A 47 -15.79 -5.69 3.49
N TYR A 48 -14.84 -6.31 2.78
CA TYR A 48 -15.13 -6.91 1.49
C TYR A 48 -16.25 -7.94 1.61
N ASN A 49 -16.14 -8.76 2.66
CA ASN A 49 -17.08 -9.85 2.93
C ASN A 49 -17.33 -10.71 1.70
N GLY A 1 10.75 11.44 10.75
CA GLY A 1 10.19 12.04 9.51
C GLY A 1 10.79 11.43 8.26
N THR A 2 11.32 12.27 7.39
CA THR A 2 11.94 11.80 6.16
C THR A 2 13.38 11.38 6.43
N ARG A 3 13.57 10.09 6.70
CA ARG A 3 14.90 9.56 6.92
C ARG A 3 15.48 9.01 5.62
N GLY A 4 16.33 9.78 4.99
CA GLY A 4 16.95 9.34 3.76
C GLY A 4 18.44 9.19 3.90
N VAL A 5 19.14 9.27 2.78
CA VAL A 5 20.59 9.20 2.75
C VAL A 5 21.16 10.53 2.29
N ASP A 6 22.46 10.57 2.00
CA ASP A 6 23.15 11.77 1.52
C ASP A 6 22.30 12.54 0.51
N SER A 7 21.88 11.86 -0.56
CA SER A 7 20.98 12.46 -1.52
C SER A 7 19.54 12.26 -1.05
N PRO A 8 18.79 13.35 -0.85
CA PRO A 8 17.40 13.29 -0.39
C PRO A 8 16.46 12.80 -1.48
N SER A 9 16.98 12.66 -2.68
CA SER A 9 16.21 12.20 -3.82
C SER A 9 16.15 10.69 -3.86
N ALA A 10 16.77 10.04 -2.87
CA ALA A 10 16.79 8.59 -2.82
C ALA A 10 15.41 8.04 -2.51
N GLU A 11 14.66 8.74 -1.66
CA GLU A 11 13.33 8.33 -1.26
C GLU A 11 12.38 8.30 -2.46
N LEU A 12 12.68 9.10 -3.48
CA LEU A 12 11.84 9.16 -4.68
C LEU A 12 11.98 7.88 -5.49
N ASP A 13 12.79 6.99 -4.98
CA ASP A 13 13.02 5.69 -5.60
C ASP A 13 13.30 4.66 -4.51
N LYS A 14 13.06 5.06 -3.26
CA LYS A 14 13.33 4.19 -2.14
C LYS A 14 12.28 3.10 -2.15
N LYS A 15 11.06 3.54 -2.44
CA LYS A 15 9.96 2.67 -2.77
C LYS A 15 8.79 3.49 -3.27
N ALA A 16 7.95 2.86 -4.07
CA ALA A 16 6.79 3.50 -4.66
C ALA A 16 5.89 2.45 -5.27
N ASN A 17 5.90 1.28 -4.65
CA ASN A 17 5.14 0.14 -5.13
C ASN A 17 3.69 0.26 -4.70
N LEU A 18 2.95 1.12 -5.38
CA LEU A 18 1.57 1.37 -5.01
C LEU A 18 0.65 0.50 -5.84
N LEU A 19 -0.42 0.07 -5.22
CA LEU A 19 -1.47 -0.68 -5.88
C LEU A 19 -2.74 -0.26 -5.19
N LYS A 20 -3.90 -0.74 -5.58
CA LYS A 20 -5.08 -0.19 -4.94
C LYS A 20 -6.19 -1.19 -4.71
N CYS A 21 -6.77 -1.01 -3.54
CA CYS A 21 -7.94 -1.70 -3.02
C CYS A 21 -8.99 -1.99 -4.10
N GLU A 22 -9.15 -3.28 -4.39
CA GLU A 22 -10.21 -3.79 -5.27
C GLU A 22 -11.62 -3.38 -4.80
N TYR A 23 -11.74 -2.76 -3.64
CA TYR A 23 -13.05 -2.35 -3.16
C TYR A 23 -13.27 -0.84 -3.36
N CYS A 24 -12.31 -0.02 -2.97
CA CYS A 24 -12.47 1.43 -3.06
C CYS A 24 -11.53 2.08 -4.07
N GLY A 25 -10.38 1.48 -4.32
CA GLY A 25 -9.54 1.98 -5.39
C GLY A 25 -8.51 2.97 -4.90
N LYS A 26 -8.27 2.96 -3.60
CA LYS A 26 -7.28 3.85 -3.02
C LYS A 26 -5.88 3.27 -3.20
N TYR A 27 -4.97 4.14 -3.60
CA TYR A 27 -3.58 3.75 -3.83
C TYR A 27 -2.80 3.82 -2.54
N ALA A 28 -1.98 2.82 -2.33
CA ALA A 28 -1.20 2.72 -1.12
C ALA A 28 0.01 1.82 -1.34
N PRO A 29 1.02 1.98 -0.49
CA PRO A 29 2.23 1.14 -0.53
C PRO A 29 1.89 -0.30 -0.18
N ALA A 30 2.30 -1.20 -1.05
CA ALA A 30 2.02 -2.64 -0.93
C ALA A 30 2.19 -3.19 0.50
N GLU A 31 3.12 -2.63 1.26
CA GLU A 31 3.40 -3.05 2.63
C GLU A 31 2.17 -2.86 3.53
N GLN A 32 1.31 -1.94 3.16
CA GLN A 32 0.13 -1.64 3.94
C GLN A 32 -0.94 -2.69 3.68
N PHE A 33 -0.92 -3.25 2.47
CA PHE A 33 -1.87 -4.27 2.07
C PHE A 33 -1.61 -5.60 2.78
N ARG A 34 -1.84 -5.60 4.08
CA ARG A 34 -1.75 -6.80 4.89
C ARG A 34 -2.96 -7.69 4.66
N GLY A 35 -3.86 -7.24 3.80
CA GLY A 35 -4.96 -8.06 3.36
C GLY A 35 -4.65 -8.78 2.06
N SER A 36 -3.45 -9.38 2.02
CA SER A 36 -3.00 -10.18 0.86
C SER A 36 -2.98 -9.35 -0.43
N LYS A 37 -2.69 -8.06 -0.29
CA LYS A 37 -2.41 -7.17 -1.43
C LYS A 37 -3.55 -7.21 -2.45
N ARG A 38 -4.76 -7.05 -1.95
CA ARG A 38 -5.97 -7.01 -2.76
C ARG A 38 -6.89 -5.94 -2.19
N PHE A 39 -6.86 -5.80 -0.87
CA PHE A 39 -7.61 -4.77 -0.17
C PHE A 39 -6.69 -4.09 0.83
N CYS A 40 -6.76 -2.77 0.91
CA CYS A 40 -5.83 -2.04 1.72
C CYS A 40 -6.17 -2.16 3.21
N SER A 41 -5.41 -2.97 3.94
CA SER A 41 -5.36 -2.91 5.40
C SER A 41 -6.48 -3.79 6.01
N MET A 42 -6.92 -3.48 7.23
CA MET A 42 -7.88 -4.32 7.95
C MET A 42 -9.32 -3.98 7.55
N THR A 43 -9.72 -2.76 7.83
CA THR A 43 -11.05 -2.23 7.51
C THR A 43 -11.50 -2.58 6.10
N CYS A 44 -10.63 -2.45 5.13
CA CYS A 44 -10.98 -2.73 3.75
C CYS A 44 -11.07 -4.22 3.47
N ALA A 45 -10.13 -5.00 3.98
CA ALA A 45 -10.14 -6.44 3.78
C ALA A 45 -11.40 -7.06 4.39
N LYS A 46 -11.76 -6.64 5.59
CA LYS A 46 -12.96 -7.16 6.26
C LYS A 46 -14.21 -6.74 5.49
N ARG A 47 -14.11 -5.56 4.87
CA ARG A 47 -15.22 -4.91 4.19
C ARG A 47 -15.61 -5.66 2.93
N TYR A 48 -14.66 -6.44 2.41
CA TYR A 48 -14.88 -7.24 1.21
C TYR A 48 -16.06 -8.19 1.36
N ASN A 49 -16.27 -8.66 2.58
CA ASN A 49 -17.25 -9.70 2.85
C ASN A 49 -18.67 -9.14 2.82
N GLY A 1 6.80 16.53 -12.84
CA GLY A 1 6.31 15.32 -12.16
C GLY A 1 7.08 15.04 -10.88
N THR A 2 7.00 13.81 -10.40
CA THR A 2 7.63 13.44 -9.15
C THR A 2 9.07 12.98 -9.40
N ARG A 3 10.01 13.62 -8.70
CA ARG A 3 11.42 13.28 -8.83
C ARG A 3 12.00 12.86 -7.49
N GLY A 4 11.92 11.57 -7.19
CA GLY A 4 12.51 11.05 -5.98
C GLY A 4 14.00 10.89 -6.13
N VAL A 5 14.73 11.98 -6.01
CA VAL A 5 16.17 11.98 -6.23
C VAL A 5 16.93 11.64 -4.94
N ASP A 6 16.47 10.60 -4.26
CA ASP A 6 17.10 10.12 -3.02
C ASP A 6 17.24 11.25 -2.01
N SER A 7 16.13 11.92 -1.75
CA SER A 7 16.09 13.01 -0.79
C SER A 7 15.15 12.64 0.34
N PRO A 8 15.51 12.98 1.59
CA PRO A 8 14.72 12.63 2.79
C PRO A 8 13.21 12.72 2.57
N SER A 9 12.77 13.77 1.89
CA SER A 9 11.35 13.96 1.60
C SER A 9 10.90 13.08 0.43
N ALA A 10 11.69 13.09 -0.63
CA ALA A 10 11.30 12.45 -1.88
C ALA A 10 11.59 10.96 -1.92
N GLU A 11 12.05 10.40 -0.80
CA GLU A 11 12.32 8.96 -0.74
C GLU A 11 11.03 8.18 -0.58
N LEU A 12 10.00 8.84 -0.07
CA LEU A 12 8.70 8.19 0.02
C LEU A 12 8.07 8.13 -1.36
N ASP A 13 8.67 8.88 -2.27
CA ASP A 13 8.28 8.87 -3.67
C ASP A 13 9.22 7.97 -4.45
N LYS A 14 10.26 7.53 -3.77
CA LYS A 14 11.28 6.67 -4.35
C LYS A 14 10.73 5.27 -4.53
N LYS A 15 9.89 4.86 -3.60
CA LYS A 15 9.27 3.54 -3.64
C LYS A 15 8.16 3.52 -4.69
N ALA A 16 7.05 4.21 -4.38
CA ALA A 16 5.88 4.26 -5.26
C ALA A 16 5.50 2.88 -5.83
N ASN A 17 5.68 1.85 -5.02
CA ASN A 17 5.25 0.51 -5.38
C ASN A 17 3.77 0.35 -5.06
N LEU A 18 2.94 1.27 -5.53
CA LEU A 18 1.58 1.35 -5.08
C LEU A 18 0.67 0.49 -5.97
N LEU A 19 -0.38 -0.01 -5.34
CA LEU A 19 -1.45 -0.69 -6.04
C LEU A 19 -2.69 -0.40 -5.22
N LYS A 20 -3.88 -0.64 -5.73
CA LYS A 20 -5.03 -0.11 -5.03
C LYS A 20 -6.04 -1.16 -4.62
N CYS A 21 -6.52 -0.95 -3.41
CA CYS A 21 -7.61 -1.68 -2.81
C CYS A 21 -8.80 -1.82 -3.76
N GLU A 22 -8.98 -2.99 -4.35
CA GLU A 22 -10.04 -3.21 -5.35
C GLU A 22 -11.46 -3.14 -4.76
N TYR A 23 -11.60 -2.52 -3.60
CA TYR A 23 -12.93 -2.27 -3.04
C TYR A 23 -13.28 -0.78 -3.18
N CYS A 24 -12.29 0.06 -2.91
CA CYS A 24 -12.46 1.52 -3.00
C CYS A 24 -11.58 2.14 -4.09
N GLY A 25 -10.40 1.60 -4.30
CA GLY A 25 -9.53 2.10 -5.36
C GLY A 25 -8.45 3.03 -4.85
N LYS A 26 -8.11 2.94 -3.58
CA LYS A 26 -7.09 3.81 -3.00
C LYS A 26 -5.70 3.27 -3.28
N TYR A 27 -4.82 4.12 -3.79
CA TYR A 27 -3.46 3.72 -4.10
C TYR A 27 -2.59 3.89 -2.86
N ALA A 28 -1.91 2.82 -2.50
CA ALA A 28 -1.13 2.80 -1.28
C ALA A 28 0.01 1.80 -1.43
N PRO A 29 1.06 1.90 -0.58
CA PRO A 29 2.22 1.01 -0.68
C PRO A 29 1.84 -0.41 -0.30
N ALA A 30 2.22 -1.34 -1.18
CA ALA A 30 1.94 -2.77 -1.03
C ALA A 30 2.18 -3.29 0.39
N GLU A 31 3.08 -2.64 1.11
CA GLU A 31 3.41 -3.03 2.48
C GLU A 31 2.19 -2.96 3.40
N GLN A 32 1.24 -2.10 3.06
CA GLN A 32 0.08 -1.87 3.89
C GLN A 32 -0.96 -2.96 3.63
N PHE A 33 -0.94 -3.49 2.41
CA PHE A 33 -1.81 -4.58 2.01
C PHE A 33 -1.45 -5.89 2.71
N ARG A 34 -1.59 -5.86 4.01
CA ARG A 34 -1.35 -6.99 4.89
C ARG A 34 -2.51 -7.97 4.83
N GLY A 35 -2.18 -9.25 4.78
CA GLY A 35 -3.17 -10.26 4.53
C GLY A 35 -3.17 -10.64 3.07
N SER A 36 -3.58 -9.71 2.23
CA SER A 36 -3.58 -9.92 0.79
C SER A 36 -3.37 -8.60 0.05
N LYS A 37 -2.50 -8.62 -0.96
CA LYS A 37 -2.30 -7.45 -1.81
C LYS A 37 -3.47 -7.29 -2.78
N ARG A 38 -4.62 -6.98 -2.21
CA ARG A 38 -5.88 -6.86 -2.94
C ARG A 38 -6.71 -5.75 -2.33
N PHE A 39 -6.60 -5.60 -1.01
CA PHE A 39 -7.31 -4.57 -0.30
C PHE A 39 -6.36 -3.93 0.69
N CYS A 40 -6.62 -2.69 1.07
CA CYS A 40 -5.87 -2.04 2.11
C CYS A 40 -6.18 -2.72 3.46
N SER A 41 -5.93 -2.04 4.58
CA SER A 41 -5.71 -2.69 5.87
C SER A 41 -6.93 -3.46 6.41
N MET A 42 -7.47 -3.04 7.55
CA MET A 42 -8.42 -3.91 8.25
C MET A 42 -9.83 -3.73 7.73
N THR A 43 -10.37 -2.52 7.87
CA THR A 43 -11.72 -2.21 7.44
C THR A 43 -12.03 -2.76 6.04
N CYS A 44 -11.16 -2.48 5.09
CA CYS A 44 -11.40 -2.89 3.71
C CYS A 44 -11.29 -4.39 3.47
N ALA A 45 -10.20 -5.01 3.94
CA ALA A 45 -10.04 -6.44 3.77
C ALA A 45 -11.18 -7.19 4.47
N LYS A 46 -11.50 -6.78 5.70
CA LYS A 46 -12.59 -7.41 6.45
C LYS A 46 -13.93 -7.13 5.78
N ARG A 47 -14.01 -6.01 5.06
CA ARG A 47 -15.26 -5.59 4.44
C ARG A 47 -15.67 -6.56 3.35
N TYR A 48 -14.67 -7.14 2.71
CA TYR A 48 -14.93 -8.10 1.64
C TYR A 48 -15.17 -9.49 2.23
N ASN A 49 -14.68 -9.69 3.46
CA ASN A 49 -14.87 -10.94 4.19
C ASN A 49 -14.29 -12.12 3.42
N GLY A 1 18.68 -9.61 5.67
CA GLY A 1 18.25 -8.19 5.73
C GLY A 1 17.09 -7.99 6.69
N THR A 2 16.83 -6.74 7.05
CA THR A 2 15.71 -6.44 7.91
C THR A 2 14.65 -5.64 7.16
N ARG A 3 13.92 -6.36 6.30
CA ARG A 3 12.98 -5.73 5.38
C ARG A 3 13.70 -4.69 4.54
N GLY A 4 14.81 -5.13 3.96
CA GLY A 4 15.66 -4.24 3.21
C GLY A 4 17.07 -4.24 3.76
N VAL A 5 18.04 -3.87 2.93
CA VAL A 5 19.43 -3.82 3.36
C VAL A 5 20.06 -2.47 2.98
N ASP A 6 19.80 -2.02 1.77
CA ASP A 6 20.24 -0.69 1.34
C ASP A 6 19.08 0.26 1.41
N SER A 7 19.33 1.51 1.78
CA SER A 7 18.27 2.48 1.88
C SER A 7 18.76 3.91 1.61
N PRO A 8 18.20 4.55 0.59
CA PRO A 8 18.35 5.99 0.36
C PRO A 8 17.36 6.78 1.21
N SER A 9 16.34 6.08 1.69
CA SER A 9 15.35 6.64 2.58
C SER A 9 14.99 5.62 3.65
N ALA A 10 14.72 6.09 4.86
CA ALA A 10 14.50 5.22 6.02
C ALA A 10 13.43 4.16 5.73
N GLU A 11 12.24 4.60 5.39
CA GLU A 11 11.12 3.67 5.20
C GLU A 11 10.61 3.68 3.76
N LEU A 12 10.53 4.87 3.17
CA LEU A 12 9.82 5.07 1.92
C LEU A 12 10.53 4.45 0.72
N ASP A 13 11.79 4.70 0.63
CA ASP A 13 12.55 4.35 -0.57
C ASP A 13 13.14 2.95 -0.44
N LYS A 14 12.25 2.01 -0.55
CA LYS A 14 12.53 0.58 -0.57
C LYS A 14 11.27 -0.09 -1.09
N LYS A 15 10.17 0.39 -0.54
CA LYS A 15 8.86 0.02 -1.03
C LYS A 15 8.52 0.86 -2.25
N ALA A 16 8.09 2.11 -2.00
CA ALA A 16 7.65 3.05 -3.06
C ALA A 16 7.09 2.33 -4.29
N ASN A 17 5.95 1.69 -4.09
CA ASN A 17 5.32 0.89 -5.13
C ASN A 17 3.85 0.79 -4.80
N LEU A 18 3.02 1.52 -5.53
CA LEU A 18 1.65 1.66 -5.15
C LEU A 18 0.75 0.82 -6.04
N LEU A 19 -0.28 0.31 -5.42
CA LEU A 19 -1.35 -0.43 -6.07
C LEU A 19 -2.59 -0.08 -5.30
N LYS A 20 -3.73 -0.63 -5.59
CA LYS A 20 -4.88 -0.17 -4.87
C LYS A 20 -5.94 -1.21 -4.58
N CYS A 21 -6.45 -1.03 -3.37
CA CYS A 21 -7.55 -1.76 -2.79
C CYS A 21 -8.70 -1.91 -3.77
N GLU A 22 -8.86 -3.10 -4.33
CA GLU A 22 -9.90 -3.40 -5.32
C GLU A 22 -11.32 -3.28 -4.76
N TYR A 23 -11.47 -2.71 -3.59
CA TYR A 23 -12.80 -2.47 -3.03
C TYR A 23 -13.16 -0.99 -3.16
N CYS A 24 -12.19 -0.12 -2.86
CA CYS A 24 -12.41 1.32 -2.94
C CYS A 24 -11.50 2.02 -3.97
N GLY A 25 -10.36 1.45 -4.29
CA GLY A 25 -9.53 2.03 -5.33
C GLY A 25 -8.49 2.99 -4.79
N LYS A 26 -8.21 2.90 -3.50
CA LYS A 26 -7.26 3.78 -2.85
C LYS A 26 -5.83 3.29 -3.06
N TYR A 27 -4.99 4.16 -3.57
CA TYR A 27 -3.61 3.82 -3.94
C TYR A 27 -2.70 4.01 -2.74
N ALA A 28 -1.89 3.00 -2.50
CA ALA A 28 -1.04 2.97 -1.34
C ALA A 28 0.10 1.97 -1.55
N PRO A 29 1.13 1.98 -0.68
CA PRO A 29 2.26 1.07 -0.82
C PRO A 29 1.85 -0.36 -0.53
N ALA A 30 2.26 -1.24 -1.43
CA ALA A 30 1.99 -2.69 -1.33
C ALA A 30 2.18 -3.26 0.08
N GLU A 31 3.04 -2.62 0.87
CA GLU A 31 3.35 -3.07 2.23
C GLU A 31 2.13 -3.06 3.15
N GLN A 32 1.25 -2.08 3.01
CA GLN A 32 0.10 -1.95 3.88
C GLN A 32 -0.95 -2.96 3.50
N PHE A 33 -0.87 -3.44 2.25
CA PHE A 33 -1.72 -4.51 1.77
C PHE A 33 -1.36 -5.86 2.38
N ARG A 34 -0.91 -5.83 3.62
CA ARG A 34 -0.55 -7.03 4.34
C ARG A 34 -1.81 -7.71 4.84
N GLY A 35 -1.72 -9.01 5.11
CA GLY A 35 -2.90 -9.76 5.46
C GLY A 35 -3.61 -10.34 4.26
N SER A 36 -3.53 -9.65 3.12
CA SER A 36 -4.27 -10.10 1.94
C SER A 36 -3.53 -9.84 0.62
N LYS A 37 -2.94 -8.64 0.47
CA LYS A 37 -2.39 -8.20 -0.81
C LYS A 37 -3.47 -8.32 -1.89
N ARG A 38 -4.57 -7.68 -1.57
CA ARG A 38 -5.80 -7.64 -2.35
C ARG A 38 -6.56 -6.37 -2.01
N PHE A 39 -6.49 -6.01 -0.74
CA PHE A 39 -7.08 -4.79 -0.24
C PHE A 39 -6.07 -4.08 0.63
N CYS A 40 -6.37 -2.86 1.01
CA CYS A 40 -5.65 -2.19 2.06
C CYS A 40 -5.99 -2.90 3.39
N SER A 41 -5.82 -2.23 4.53
CA SER A 41 -5.72 -2.92 5.81
C SER A 41 -7.07 -3.54 6.28
N MET A 42 -7.43 -3.36 7.53
CA MET A 42 -8.45 -4.21 8.15
C MET A 42 -9.86 -3.85 7.70
N THR A 43 -10.25 -2.61 7.93
CA THR A 43 -11.58 -2.12 7.56
C THR A 43 -11.98 -2.54 6.14
N CYS A 44 -11.12 -2.32 5.17
CA CYS A 44 -11.45 -2.63 3.79
C CYS A 44 -11.50 -4.13 3.50
N ALA A 45 -10.44 -4.86 3.86
CA ALA A 45 -10.39 -6.29 3.63
C ALA A 45 -11.56 -7.00 4.30
N LYS A 46 -11.79 -6.70 5.57
CA LYS A 46 -12.84 -7.35 6.34
C LYS A 46 -14.22 -7.02 5.76
N ARG A 47 -14.35 -5.82 5.20
CA ARG A 47 -15.64 -5.33 4.73
C ARG A 47 -16.09 -6.07 3.48
N TYR A 48 -15.13 -6.61 2.74
CA TYR A 48 -15.46 -7.33 1.51
C TYR A 48 -15.83 -8.79 1.79
N ASN A 49 -15.79 -9.18 3.06
CA ASN A 49 -16.14 -10.53 3.43
C ASN A 49 -16.67 -10.59 4.86
N GLY A 1 7.29 21.09 7.58
CA GLY A 1 6.97 19.73 8.06
C GLY A 1 7.16 18.71 6.96
N THR A 2 6.97 17.44 7.28
CA THR A 2 7.06 16.39 6.29
C THR A 2 5.80 16.38 5.42
N ARG A 3 5.84 17.15 4.35
CA ARG A 3 4.70 17.34 3.49
C ARG A 3 4.65 16.26 2.40
N GLY A 4 4.11 15.11 2.76
CA GLY A 4 4.00 14.02 1.83
C GLY A 4 2.86 13.08 2.19
N VAL A 5 1.87 12.98 1.30
CA VAL A 5 0.77 12.07 1.50
C VAL A 5 1.00 10.81 0.68
N ASP A 6 0.84 10.93 -0.63
CA ASP A 6 1.23 9.89 -1.58
C ASP A 6 1.88 10.56 -2.77
N SER A 7 2.62 11.59 -2.44
CA SER A 7 3.22 12.49 -3.41
C SER A 7 4.33 11.82 -4.23
N PRO A 8 4.20 11.77 -5.56
CA PRO A 8 5.29 11.35 -6.44
C PRO A 8 6.43 12.36 -6.43
N SER A 9 6.24 13.40 -5.63
CA SER A 9 7.23 14.45 -5.46
C SER A 9 8.27 14.05 -4.40
N ALA A 10 7.80 13.67 -3.22
CA ALA A 10 8.69 13.39 -2.09
C ALA A 10 8.47 11.99 -1.53
N GLU A 11 7.28 11.46 -1.70
CA GLU A 11 6.93 10.15 -1.12
C GLU A 11 7.52 9.01 -1.91
N LEU A 12 8.19 9.31 -3.02
CA LEU A 12 8.80 8.27 -3.82
C LEU A 12 10.02 7.68 -3.12
N ASP A 13 10.30 8.23 -1.96
CA ASP A 13 11.38 7.77 -1.11
C ASP A 13 10.76 7.17 0.16
N LYS A 14 9.59 6.58 -0.03
CA LYS A 14 8.74 6.09 1.06
C LYS A 14 7.77 5.06 0.50
N LYS A 15 7.29 5.33 -0.71
CA LYS A 15 6.36 4.46 -1.40
C LYS A 15 6.51 4.67 -2.90
N ALA A 16 6.22 3.63 -3.67
CA ALA A 16 6.34 3.67 -5.13
C ALA A 16 5.71 2.45 -5.74
N ASN A 17 5.91 1.32 -5.08
CA ASN A 17 5.24 0.08 -5.43
C ASN A 17 3.80 0.11 -4.96
N LEU A 18 3.01 0.97 -5.57
CA LEU A 18 1.64 1.19 -5.18
C LEU A 18 0.69 0.38 -6.03
N LEU A 19 -0.39 -0.04 -5.40
CA LEU A 19 -1.50 -0.69 -6.07
C LEU A 19 -2.73 -0.26 -5.31
N LYS A 20 -3.92 -0.67 -5.68
CA LYS A 20 -5.06 -0.15 -4.97
C LYS A 20 -6.15 -1.19 -4.75
N CYS A 21 -6.73 -1.03 -3.57
CA CYS A 21 -7.83 -1.81 -3.07
C CYS A 21 -8.94 -1.97 -4.09
N GLU A 22 -9.16 -3.20 -4.53
CA GLU A 22 -10.21 -3.51 -5.51
C GLU A 22 -11.62 -3.20 -4.99
N TYR A 23 -11.73 -2.63 -3.80
CA TYR A 23 -13.03 -2.27 -3.27
C TYR A 23 -13.27 -0.76 -3.39
N CYS A 24 -12.29 0.03 -2.95
CA CYS A 24 -12.44 1.49 -2.98
C CYS A 24 -11.47 2.17 -3.97
N GLY A 25 -10.32 1.57 -4.19
CA GLY A 25 -9.40 2.11 -5.18
C GLY A 25 -8.36 3.03 -4.59
N LYS A 26 -8.12 2.89 -3.30
CA LYS A 26 -7.10 3.70 -2.64
C LYS A 26 -5.71 3.17 -2.95
N TYR A 27 -4.87 4.05 -3.46
CA TYR A 27 -3.52 3.69 -3.86
C TYR A 27 -2.60 3.81 -2.67
N ALA A 28 -1.81 2.76 -2.45
CA ALA A 28 -0.99 2.68 -1.26
C ALA A 28 0.16 1.71 -1.50
N PRO A 29 1.21 1.80 -0.68
CA PRO A 29 2.33 0.87 -0.75
C PRO A 29 1.88 -0.55 -0.48
N ALA A 30 2.35 -1.46 -1.33
CA ALA A 30 2.07 -2.90 -1.22
C ALA A 30 2.20 -3.38 0.23
N GLU A 31 3.19 -2.83 0.90
CA GLU A 31 3.52 -3.19 2.27
C GLU A 31 2.38 -2.84 3.23
N GLN A 32 1.61 -1.83 2.85
CA GLN A 32 0.52 -1.35 3.69
C GLN A 32 -0.68 -2.27 3.55
N PHE A 33 -0.80 -2.89 2.40
CA PHE A 33 -1.86 -3.85 2.16
C PHE A 33 -1.65 -5.15 2.93
N ARG A 34 -1.82 -5.05 4.24
CA ARG A 34 -1.76 -6.23 5.12
C ARG A 34 -3.00 -7.10 4.88
N GLY A 35 -3.91 -6.61 4.05
CA GLY A 35 -5.04 -7.40 3.63
C GLY A 35 -4.72 -8.20 2.38
N SER A 36 -3.57 -8.89 2.41
CA SER A 36 -3.13 -9.75 1.31
C SER A 36 -3.05 -8.99 -0.02
N LYS A 37 -2.52 -7.76 0.08
CA LYS A 37 -2.06 -6.97 -1.08
C LYS A 37 -3.15 -6.79 -2.12
N ARG A 38 -4.38 -6.65 -1.65
CA ARG A 38 -5.55 -6.57 -2.50
C ARG A 38 -6.56 -5.60 -1.91
N PHE A 39 -6.56 -5.47 -0.59
CA PHE A 39 -7.45 -4.53 0.09
C PHE A 39 -6.69 -3.78 1.17
N CYS A 40 -6.90 -2.48 1.23
CA CYS A 40 -6.14 -1.61 2.10
C CYS A 40 -6.60 -1.74 3.55
N SER A 41 -5.81 -2.38 4.41
CA SER A 41 -5.98 -2.28 5.86
C SER A 41 -6.95 -3.37 6.36
N MET A 42 -7.46 -3.22 7.56
CA MET A 42 -8.33 -4.23 8.17
C MET A 42 -9.76 -4.05 7.69
N THR A 43 -10.31 -2.87 7.96
CA THR A 43 -11.67 -2.48 7.55
C THR A 43 -11.99 -2.88 6.11
N CYS A 44 -11.09 -2.60 5.19
CA CYS A 44 -11.33 -2.87 3.79
C CYS A 44 -11.31 -4.36 3.49
N ALA A 45 -10.29 -5.05 3.98
CA ALA A 45 -10.17 -6.49 3.75
C ALA A 45 -11.36 -7.22 4.36
N LYS A 46 -11.75 -6.80 5.56
CA LYS A 46 -12.89 -7.40 6.25
C LYS A 46 -14.20 -7.14 5.53
N ARG A 47 -14.29 -6.00 4.86
CA ARG A 47 -15.54 -5.63 4.21
C ARG A 47 -15.78 -6.52 2.99
N TYR A 48 -14.67 -7.04 2.44
CA TYR A 48 -14.74 -7.98 1.34
C TYR A 48 -14.90 -9.39 1.90
N ASN A 49 -14.01 -9.74 2.83
CA ASN A 49 -13.97 -11.04 3.53
C ASN A 49 -14.52 -12.20 2.70
N GLY A 1 12.46 4.55 5.39
CA GLY A 1 13.68 4.82 6.18
C GLY A 1 14.62 3.63 6.19
N THR A 2 15.33 3.46 7.31
CA THR A 2 16.22 2.34 7.52
C THR A 2 17.53 2.50 6.71
N ARG A 3 17.40 2.74 5.41
CA ARG A 3 18.56 2.90 4.55
C ARG A 3 18.37 4.07 3.59
N GLY A 4 17.73 5.12 4.09
CA GLY A 4 17.47 6.30 3.28
C GLY A 4 18.69 7.19 3.16
N VAL A 5 19.66 6.74 2.36
CA VAL A 5 20.86 7.52 2.10
C VAL A 5 20.54 8.65 1.13
N ASP A 6 20.02 8.28 -0.03
CA ASP A 6 19.62 9.24 -1.04
C ASP A 6 18.14 9.09 -1.36
N SER A 7 17.29 9.77 -0.60
CA SER A 7 15.87 9.75 -0.86
C SER A 7 15.46 10.99 -1.63
N PRO A 8 14.88 10.81 -2.83
CA PRO A 8 14.45 11.91 -3.69
C PRO A 8 13.26 12.67 -3.09
N SER A 9 12.49 11.97 -2.26
CA SER A 9 11.32 12.54 -1.62
C SER A 9 11.36 12.26 -0.12
N ALA A 10 10.83 13.19 0.66
CA ALA A 10 10.86 13.08 2.11
C ALA A 10 9.63 12.35 2.64
N GLU A 11 8.54 12.41 1.87
CA GLU A 11 7.31 11.74 2.25
C GLU A 11 7.35 10.27 1.84
N LEU A 12 7.43 10.04 0.53
CA LEU A 12 7.52 8.68 0.01
C LEU A 12 8.98 8.24 -0.03
N ASP A 13 9.55 8.10 1.16
CA ASP A 13 10.95 7.74 1.34
C ASP A 13 11.28 6.39 0.70
N LYS A 14 11.86 6.45 -0.49
CA LYS A 14 12.37 5.28 -1.21
C LYS A 14 11.26 4.38 -1.75
N LYS A 15 10.50 3.78 -0.84
CA LYS A 15 9.45 2.87 -1.22
C LYS A 15 8.24 3.63 -1.72
N ALA A 16 7.71 3.16 -2.84
CA ALA A 16 6.57 3.79 -3.48
C ALA A 16 5.94 2.85 -4.50
N ASN A 17 6.03 1.55 -4.23
CA ASN A 17 5.33 0.56 -5.04
C ASN A 17 3.86 0.53 -4.64
N LEU A 18 3.04 1.26 -5.39
CA LEU A 18 1.66 1.42 -5.02
C LEU A 18 0.78 0.51 -5.86
N LEU A 19 -0.32 0.13 -5.27
CA LEU A 19 -1.39 -0.61 -5.91
C LEU A 19 -2.64 -0.16 -5.20
N LYS A 20 -3.80 -0.69 -5.53
CA LYS A 20 -4.97 -0.13 -4.90
C LYS A 20 -6.08 -1.13 -4.65
N CYS A 21 -6.69 -0.89 -3.50
CA CYS A 21 -7.83 -1.60 -2.96
C CYS A 21 -8.88 -1.93 -4.02
N GLU A 22 -8.95 -3.20 -4.39
CA GLU A 22 -9.96 -3.70 -5.34
C GLU A 22 -11.40 -3.50 -4.83
N TYR A 23 -11.54 -2.89 -3.66
CA TYR A 23 -12.86 -2.62 -3.12
C TYR A 23 -13.23 -1.15 -3.29
N CYS A 24 -12.31 -0.25 -2.92
CA CYS A 24 -12.58 1.19 -3.02
C CYS A 24 -11.66 1.89 -4.01
N GLY A 25 -10.45 1.39 -4.20
CA GLY A 25 -9.58 1.90 -5.25
C GLY A 25 -8.57 2.92 -4.77
N LYS A 26 -8.27 2.91 -3.48
CA LYS A 26 -7.30 3.85 -2.94
C LYS A 26 -5.88 3.35 -3.17
N TYR A 27 -5.03 4.22 -3.69
CA TYR A 27 -3.66 3.88 -4.02
C TYR A 27 -2.79 4.00 -2.78
N ALA A 28 -2.01 2.97 -2.53
CA ALA A 28 -1.25 2.87 -1.30
C ALA A 28 -0.13 1.85 -1.46
N PRO A 29 0.85 1.83 -0.53
CA PRO A 29 1.99 0.93 -0.62
C PRO A 29 1.60 -0.50 -0.32
N ALA A 30 2.11 -1.41 -1.15
CA ALA A 30 1.90 -2.86 -0.98
C ALA A 30 2.08 -3.32 0.47
N GLU A 31 2.85 -2.55 1.24
CA GLU A 31 3.18 -2.86 2.63
C GLU A 31 1.97 -3.05 3.53
N GLN A 32 1.05 -2.09 3.58
CA GLN A 32 -0.10 -2.20 4.48
C GLN A 32 -1.24 -2.96 3.80
N PHE A 33 -0.89 -3.78 2.81
CA PHE A 33 -1.84 -4.69 2.19
C PHE A 33 -1.70 -6.06 2.85
N ARG A 34 -1.82 -6.03 4.17
CA ARG A 34 -1.73 -7.22 5.01
C ARG A 34 -2.99 -8.08 4.88
N GLY A 35 -2.82 -9.40 5.00
CA GLY A 35 -3.92 -10.31 4.91
C GLY A 35 -4.27 -10.63 3.48
N SER A 36 -4.80 -9.64 2.78
CA SER A 36 -5.16 -9.77 1.39
C SER A 36 -4.46 -8.69 0.57
N LYS A 37 -3.57 -9.11 -0.33
CA LYS A 37 -2.89 -8.18 -1.23
C LYS A 37 -3.86 -7.76 -2.33
N ARG A 38 -4.98 -7.24 -1.90
CA ARG A 38 -6.13 -6.94 -2.74
C ARG A 38 -6.77 -5.63 -2.27
N PHE A 39 -6.73 -5.38 -0.96
CA PHE A 39 -7.44 -4.27 -0.34
C PHE A 39 -6.52 -3.56 0.62
N CYS A 40 -6.66 -2.24 0.75
CA CYS A 40 -5.76 -1.51 1.62
C CYS A 40 -6.12 -1.75 3.09
N SER A 41 -5.36 -2.62 3.75
CA SER A 41 -5.29 -2.69 5.21
C SER A 41 -6.40 -3.62 5.76
N MET A 42 -6.81 -3.42 7.01
CA MET A 42 -7.71 -4.33 7.69
C MET A 42 -9.17 -4.05 7.36
N THR A 43 -9.63 -2.85 7.68
CA THR A 43 -10.99 -2.40 7.41
C THR A 43 -11.46 -2.77 6.00
N CYS A 44 -10.60 -2.62 5.02
CA CYS A 44 -10.96 -2.94 3.64
C CYS A 44 -11.06 -4.43 3.40
N ALA A 45 -10.11 -5.18 3.96
CA ALA A 45 -10.17 -6.63 3.91
C ALA A 45 -11.45 -7.12 4.56
N LYS A 46 -11.76 -6.54 5.72
CA LYS A 46 -12.98 -6.88 6.46
C LYS A 46 -14.23 -6.55 5.65
N ARG A 47 -14.19 -5.35 5.05
CA ARG A 47 -15.34 -4.77 4.37
C ARG A 47 -15.72 -5.58 3.14
N TYR A 48 -14.74 -6.32 2.64
CA TYR A 48 -14.95 -7.17 1.47
C TYR A 48 -16.05 -8.20 1.73
N ASN A 49 -16.21 -8.55 2.99
CA ASN A 49 -17.11 -9.61 3.41
C ASN A 49 -17.53 -9.42 4.86
N GLY A 1 19.57 -1.83 5.12
CA GLY A 1 18.90 -0.67 5.77
C GLY A 1 17.59 -1.06 6.41
N THR A 2 17.16 -0.30 7.40
CA THR A 2 15.90 -0.56 8.09
C THR A 2 14.72 -0.15 7.20
N ARG A 3 14.03 -1.16 6.64
CA ARG A 3 12.93 -0.97 5.70
C ARG A 3 13.45 -0.42 4.37
N GLY A 4 13.92 0.81 4.38
CA GLY A 4 14.43 1.43 3.18
C GLY A 4 13.43 2.37 2.55
N VAL A 5 13.38 3.60 3.04
CA VAL A 5 12.51 4.61 2.48
C VAL A 5 13.32 5.85 2.09
N ASP A 6 13.12 6.29 0.84
CA ASP A 6 13.79 7.48 0.31
C ASP A 6 15.30 7.39 0.57
N SER A 7 15.90 6.28 0.16
CA SER A 7 17.31 6.06 0.37
C SER A 7 18.13 6.74 -0.72
N PRO A 8 19.28 7.32 -0.35
CA PRO A 8 20.21 7.95 -1.30
C PRO A 8 20.97 6.89 -2.11
N SER A 9 20.21 6.01 -2.73
CA SER A 9 20.75 4.91 -3.50
C SER A 9 19.64 4.33 -4.36
N ALA A 10 19.98 3.40 -5.26
CA ALA A 10 19.00 2.77 -6.12
C ALA A 10 18.18 1.73 -5.35
N GLU A 11 17.56 2.17 -4.26
CA GLU A 11 16.76 1.30 -3.41
C GLU A 11 15.33 1.76 -3.34
N LEU A 12 14.83 2.30 -4.41
CA LEU A 12 13.49 2.83 -4.38
C LEU A 12 12.50 1.77 -4.88
N ASP A 13 12.92 0.52 -4.79
CA ASP A 13 12.10 -0.60 -5.26
C ASP A 13 11.79 -1.54 -4.10
N LYS A 14 12.23 -1.15 -2.91
CA LYS A 14 11.96 -1.92 -1.71
C LYS A 14 10.49 -1.79 -1.37
N LYS A 15 9.96 -0.62 -1.69
CA LYS A 15 8.55 -0.30 -1.53
C LYS A 15 8.25 0.95 -2.36
N ALA A 16 7.21 1.71 -1.97
CA ALA A 16 6.78 2.91 -2.70
C ALA A 16 5.94 2.53 -3.90
N ASN A 17 5.92 1.24 -4.19
CA ASN A 17 5.06 0.70 -5.24
C ASN A 17 3.63 0.62 -4.73
N LEU A 18 2.78 1.44 -5.29
CA LEU A 18 1.41 1.52 -4.87
C LEU A 18 0.52 0.66 -5.77
N LEU A 19 -0.49 0.07 -5.17
CA LEU A 19 -1.52 -0.66 -5.89
C LEU A 19 -2.82 -0.45 -5.15
N LYS A 20 -3.94 -0.45 -5.84
CA LYS A 20 -5.14 0.03 -5.19
C LYS A 20 -6.15 -1.07 -4.88
N CYS A 21 -6.65 -0.96 -3.65
CA CYS A 21 -7.74 -1.73 -3.10
C CYS A 21 -8.85 -1.96 -4.12
N GLU A 22 -8.97 -3.21 -4.57
CA GLU A 22 -10.00 -3.61 -5.52
C GLU A 22 -11.43 -3.43 -5.00
N TYR A 23 -11.59 -2.83 -3.83
CA TYR A 23 -12.94 -2.58 -3.32
C TYR A 23 -13.27 -1.09 -3.43
N CYS A 24 -12.32 -0.23 -3.11
CA CYS A 24 -12.55 1.22 -3.17
C CYS A 24 -11.65 1.92 -4.18
N GLY A 25 -10.45 1.41 -4.41
CA GLY A 25 -9.58 1.99 -5.42
C GLY A 25 -8.57 2.95 -4.82
N LYS A 26 -8.28 2.81 -3.54
CA LYS A 26 -7.29 3.66 -2.88
C LYS A 26 -5.88 3.15 -3.16
N TYR A 27 -5.01 4.02 -3.61
CA TYR A 27 -3.63 3.65 -3.88
C TYR A 27 -2.80 3.81 -2.63
N ALA A 28 -2.08 2.76 -2.29
CA ALA A 28 -1.30 2.71 -1.08
C ALA A 28 -0.17 1.72 -1.25
N PRO A 29 0.90 1.86 -0.44
CA PRO A 29 2.05 0.97 -0.51
C PRO A 29 1.65 -0.46 -0.17
N ALA A 30 2.02 -1.37 -1.08
CA ALA A 30 1.70 -2.80 -0.95
C ALA A 30 1.91 -3.37 0.48
N GLU A 31 2.85 -2.77 1.22
CA GLU A 31 3.16 -3.22 2.59
C GLU A 31 1.95 -3.16 3.51
N GLN A 32 1.06 -2.21 3.22
CA GLN A 32 -0.09 -1.98 4.07
C GLN A 32 -1.14 -3.06 3.85
N PHE A 33 -1.11 -3.64 2.65
CA PHE A 33 -2.00 -4.73 2.31
C PHE A 33 -1.62 -6.02 3.06
N ARG A 34 -1.84 -6.01 4.36
CA ARG A 34 -1.64 -7.17 5.20
C ARG A 34 -2.70 -8.21 4.92
N GLY A 35 -3.93 -7.76 4.72
CA GLY A 35 -5.01 -8.64 4.34
C GLY A 35 -5.02 -8.89 2.86
N SER A 36 -3.93 -9.48 2.35
CA SER A 36 -3.75 -9.74 0.92
C SER A 36 -3.52 -8.43 0.15
N LYS A 37 -2.67 -8.50 -0.87
CA LYS A 37 -2.33 -7.35 -1.70
C LYS A 37 -3.48 -7.05 -2.66
N ARG A 38 -4.66 -6.83 -2.09
CA ARG A 38 -5.88 -6.63 -2.84
C ARG A 38 -6.77 -5.62 -2.14
N PHE A 39 -6.68 -5.54 -0.81
CA PHE A 39 -7.49 -4.59 -0.05
C PHE A 39 -6.66 -3.93 1.04
N CYS A 40 -6.44 -2.63 0.87
CA CYS A 40 -5.68 -1.84 1.83
C CYS A 40 -6.15 -1.98 3.28
N SER A 41 -5.36 -2.66 4.10
CA SER A 41 -5.41 -2.57 5.56
C SER A 41 -6.40 -3.59 6.14
N MET A 42 -6.85 -3.38 7.37
CA MET A 42 -7.79 -4.30 8.00
C MET A 42 -9.23 -3.96 7.62
N THR A 43 -9.59 -2.71 7.87
CA THR A 43 -10.92 -2.19 7.53
C THR A 43 -11.37 -2.57 6.12
N CYS A 44 -10.52 -2.38 5.13
CA CYS A 44 -10.90 -2.66 3.75
C CYS A 44 -10.97 -4.15 3.47
N ALA A 45 -10.00 -4.91 3.96
CA ALA A 45 -9.98 -6.34 3.73
C ALA A 45 -11.21 -6.99 4.37
N LYS A 46 -11.56 -6.57 5.58
CA LYS A 46 -12.75 -7.11 6.24
C LYS A 46 -14.01 -6.63 5.55
N ARG A 47 -13.91 -5.44 4.94
CA ARG A 47 -15.03 -4.78 4.29
C ARG A 47 -15.49 -5.53 3.05
N TYR A 48 -14.57 -6.30 2.47
CA TYR A 48 -14.86 -7.07 1.26
C TYR A 48 -16.06 -7.99 1.49
N ASN A 49 -16.23 -8.41 2.73
CA ASN A 49 -17.34 -9.26 3.12
C ASN A 49 -18.59 -8.40 3.29
N GLY A 1 24.38 1.16 0.09
CA GLY A 1 23.71 1.12 1.41
C GLY A 1 22.80 -0.09 1.55
N THR A 2 22.16 -0.21 2.71
CA THR A 2 21.22 -1.29 2.95
C THR A 2 19.91 -1.02 2.23
N ARG A 3 19.29 -2.08 1.73
CA ARG A 3 18.06 -1.94 0.96
C ARG A 3 16.85 -2.05 1.87
N GLY A 4 16.61 -0.99 2.64
CA GLY A 4 15.52 -0.98 3.59
C GLY A 4 15.83 -1.86 4.78
N VAL A 5 15.05 -2.92 4.94
CA VAL A 5 15.33 -3.92 5.96
C VAL A 5 16.03 -5.12 5.34
N ASP A 6 16.45 -4.93 4.08
CA ASP A 6 17.13 -5.95 3.29
C ASP A 6 16.23 -7.13 2.99
N SER A 7 14.93 -6.87 2.86
CA SER A 7 14.01 -7.87 2.41
C SER A 7 13.68 -7.64 0.94
N PRO A 8 13.97 -8.63 0.08
CA PRO A 8 13.80 -8.51 -1.36
C PRO A 8 12.37 -8.80 -1.83
N SER A 9 11.40 -8.50 -0.97
CA SER A 9 10.01 -8.68 -1.33
C SER A 9 9.48 -7.38 -1.97
N ALA A 10 8.62 -6.64 -1.27
CA ALA A 10 8.20 -5.33 -1.72
C ALA A 10 8.58 -4.32 -0.66
N GLU A 11 9.52 -4.74 0.18
CA GLU A 11 9.98 -3.94 1.32
C GLU A 11 10.89 -2.83 0.86
N LEU A 12 11.82 -3.19 -0.03
CA LEU A 12 12.99 -2.39 -0.46
C LEU A 12 12.95 -0.90 -0.10
N ASP A 13 13.01 -0.59 1.19
CA ASP A 13 13.07 0.79 1.67
C ASP A 13 11.86 1.60 1.22
N LYS A 14 10.68 1.00 1.37
CA LYS A 14 9.39 1.65 1.14
C LYS A 14 9.07 1.77 -0.36
N LYS A 15 9.93 2.48 -1.09
CA LYS A 15 9.82 2.65 -2.54
C LYS A 15 8.66 3.57 -2.97
N ALA A 16 7.53 3.43 -2.28
CA ALA A 16 6.32 4.21 -2.56
C ALA A 16 5.59 3.65 -3.76
N ASN A 17 5.83 2.37 -4.05
CA ASN A 17 5.14 1.68 -5.13
C ASN A 17 3.72 1.33 -4.71
N LEU A 18 2.77 2.09 -5.19
CA LEU A 18 1.40 1.91 -4.80
C LEU A 18 0.67 0.99 -5.77
N LEU A 19 -0.30 0.28 -5.22
CA LEU A 19 -1.30 -0.44 -6.00
C LEU A 19 -2.58 -0.36 -5.19
N LYS A 20 -3.74 -0.52 -5.79
CA LYS A 20 -4.93 -0.10 -5.07
C LYS A 20 -5.88 -1.22 -4.73
N CYS A 21 -6.38 -1.09 -3.51
CA CYS A 21 -7.43 -1.88 -2.93
C CYS A 21 -8.62 -2.03 -3.87
N GLU A 22 -8.73 -3.21 -4.49
CA GLU A 22 -9.76 -3.49 -5.49
C GLU A 22 -11.19 -3.49 -4.92
N TYR A 23 -11.39 -2.88 -3.76
CA TYR A 23 -12.72 -2.69 -3.23
C TYR A 23 -13.12 -1.22 -3.33
N CYS A 24 -12.20 -0.34 -2.94
CA CYS A 24 -12.47 1.10 -2.92
C CYS A 24 -11.62 1.85 -3.95
N GLY A 25 -10.48 1.28 -4.32
CA GLY A 25 -9.70 1.87 -5.38
C GLY A 25 -8.70 2.89 -4.87
N LYS A 26 -8.40 2.82 -3.58
CA LYS A 26 -7.46 3.76 -2.99
C LYS A 26 -6.04 3.24 -3.16
N TYR A 27 -5.14 4.10 -3.60
CA TYR A 27 -3.76 3.70 -3.84
C TYR A 27 -2.97 3.76 -2.55
N ALA A 28 -2.29 2.66 -2.27
CA ALA A 28 -1.56 2.50 -1.03
C ALA A 28 -0.33 1.65 -1.27
N PRO A 29 0.70 1.79 -0.42
CA PRO A 29 1.96 1.09 -0.60
C PRO A 29 1.80 -0.39 -0.36
N ALA A 30 2.35 -1.19 -1.29
CA ALA A 30 2.32 -2.65 -1.23
C ALA A 30 2.60 -3.20 0.17
N GLU A 31 3.37 -2.46 0.95
CA GLU A 31 3.72 -2.84 2.32
C GLU A 31 2.47 -3.17 3.17
N GLN A 32 1.46 -2.30 3.11
CA GLN A 32 0.27 -2.46 3.95
C GLN A 32 -0.77 -3.36 3.30
N PHE A 33 -0.36 -4.12 2.28
CA PHE A 33 -1.26 -5.04 1.61
C PHE A 33 -1.03 -6.47 2.10
N ARG A 34 -0.68 -6.59 3.38
CA ARG A 34 -0.45 -7.88 3.98
C ARG A 34 -1.76 -8.51 4.41
N GLY A 35 -1.78 -9.82 4.45
CA GLY A 35 -3.02 -10.55 4.61
C GLY A 35 -3.59 -10.95 3.27
N SER A 36 -3.77 -9.97 2.39
CA SER A 36 -4.24 -10.19 1.03
C SER A 36 -3.85 -9.02 0.13
N LYS A 37 -3.08 -9.31 -0.93
CA LYS A 37 -2.67 -8.30 -1.89
C LYS A 37 -3.83 -7.95 -2.82
N ARG A 38 -4.88 -7.40 -2.24
CA ARG A 38 -6.13 -7.13 -2.92
C ARG A 38 -6.83 -5.95 -2.28
N PHE A 39 -6.66 -5.79 -0.98
CA PHE A 39 -7.31 -4.71 -0.27
C PHE A 39 -6.32 -4.03 0.65
N CYS A 40 -6.64 -2.84 1.11
CA CYS A 40 -5.89 -2.21 2.17
C CYS A 40 -6.09 -3.02 3.47
N SER A 41 -5.80 -2.41 4.61
CA SER A 41 -5.57 -3.14 5.85
C SER A 41 -6.84 -3.81 6.40
N MET A 42 -7.27 -3.45 7.61
CA MET A 42 -8.35 -4.19 8.24
C MET A 42 -9.70 -3.76 7.72
N THR A 43 -9.97 -2.47 7.81
CA THR A 43 -11.23 -1.90 7.39
C THR A 43 -11.68 -2.43 6.03
N CYS A 44 -10.82 -2.31 5.01
CA CYS A 44 -11.22 -2.68 3.67
C CYS A 44 -11.33 -4.19 3.46
N ALA A 45 -10.35 -4.95 3.94
CA ALA A 45 -10.44 -6.41 3.84
C ALA A 45 -11.67 -6.93 4.60
N LYS A 46 -11.92 -6.35 5.77
CA LYS A 46 -13.11 -6.64 6.56
C LYS A 46 -14.38 -6.23 5.79
N ARG A 47 -14.28 -5.11 5.10
CA ARG A 47 -15.41 -4.50 4.40
C ARG A 47 -15.83 -5.34 3.21
N TYR A 48 -14.88 -6.08 2.65
CA TYR A 48 -15.14 -6.94 1.50
C TYR A 48 -16.27 -7.92 1.77
N ASN A 49 -16.29 -8.45 3.00
CA ASN A 49 -17.21 -9.50 3.39
C ASN A 49 -16.91 -10.77 2.62
N GLY A 1 6.09 9.56 6.88
CA GLY A 1 6.25 9.82 5.43
C GLY A 1 6.62 8.58 4.66
N THR A 2 5.82 8.25 3.66
CA THR A 2 6.05 7.09 2.83
C THR A 2 6.07 7.49 1.35
N ARG A 3 6.60 8.67 1.09
CA ARG A 3 6.54 9.25 -0.25
C ARG A 3 7.80 10.04 -0.59
N GLY A 4 8.20 9.96 -1.85
CA GLY A 4 9.29 10.78 -2.35
C GLY A 4 8.79 11.74 -3.41
N VAL A 5 8.98 13.03 -3.20
CA VAL A 5 8.42 14.02 -4.12
C VAL A 5 9.46 14.51 -5.12
N ASP A 6 10.68 14.72 -4.65
CA ASP A 6 11.77 15.20 -5.50
C ASP A 6 13.09 14.83 -4.86
N SER A 7 13.68 13.75 -5.31
CA SER A 7 14.90 13.25 -4.71
C SER A 7 16.02 13.20 -5.73
N PRO A 8 17.13 13.91 -5.46
CA PRO A 8 18.36 13.82 -6.26
C PRO A 8 18.99 12.44 -6.11
N SER A 9 18.73 11.82 -4.98
CA SER A 9 19.20 10.48 -4.69
C SER A 9 18.28 9.45 -5.32
N ALA A 10 18.72 8.20 -5.35
CA ALA A 10 17.95 7.12 -5.95
C ALA A 10 16.94 6.57 -4.94
N GLU A 11 16.21 7.47 -4.29
CA GLU A 11 15.24 7.08 -3.28
C GLU A 11 13.86 6.90 -3.87
N LEU A 12 13.70 7.26 -5.14
CA LEU A 12 12.39 7.18 -5.77
C LEU A 12 12.11 5.74 -6.22
N ASP A 13 12.93 4.83 -5.74
CA ASP A 13 12.77 3.41 -6.04
C ASP A 13 12.88 2.61 -4.76
N LYS A 14 12.95 3.33 -3.64
CA LYS A 14 13.10 2.69 -2.34
C LYS A 14 11.80 2.01 -1.95
N LYS A 15 10.71 2.66 -2.29
CA LYS A 15 9.38 2.12 -2.10
C LYS A 15 8.42 2.89 -3.00
N ALA A 16 7.29 3.36 -2.46
CA ALA A 16 6.28 4.07 -3.24
C ALA A 16 5.68 3.17 -4.33
N ASN A 17 5.93 1.87 -4.20
CA ASN A 17 5.35 0.89 -5.11
C ASN A 17 3.90 0.65 -4.74
N LEU A 18 3.02 1.41 -5.38
CA LEU A 18 1.62 1.42 -5.00
C LEU A 18 0.80 0.47 -5.83
N LEU A 19 -0.27 0.02 -5.22
CA LEU A 19 -1.35 -0.73 -5.86
C LEU A 19 -2.59 -0.34 -5.11
N LYS A 20 -3.76 -0.83 -5.46
CA LYS A 20 -4.91 -0.28 -4.79
C LYS A 20 -6.05 -1.24 -4.55
N CYS A 21 -6.69 -0.98 -3.43
CA CYS A 21 -7.88 -1.63 -2.93
C CYS A 21 -8.92 -1.88 -4.03
N GLU A 22 -9.02 -3.13 -4.46
CA GLU A 22 -10.03 -3.55 -5.43
C GLU A 22 -11.46 -3.37 -4.92
N TYR A 23 -11.63 -2.73 -3.77
CA TYR A 23 -12.96 -2.46 -3.24
C TYR A 23 -13.31 -0.98 -3.42
N CYS A 24 -12.38 -0.10 -3.07
CA CYS A 24 -12.63 1.35 -3.15
C CYS A 24 -11.70 2.06 -4.13
N GLY A 25 -10.49 1.52 -4.34
CA GLY A 25 -9.61 2.07 -5.37
C GLY A 25 -8.59 3.04 -4.81
N LYS A 26 -8.28 2.92 -3.52
CA LYS A 26 -7.28 3.78 -2.90
C LYS A 26 -5.88 3.26 -3.16
N TYR A 27 -5.02 4.09 -3.72
CA TYR A 27 -3.65 3.69 -4.07
C TYR A 27 -2.73 3.90 -2.87
N ALA A 28 -2.00 2.87 -2.53
CA ALA A 28 -1.19 2.86 -1.33
C ALA A 28 -0.08 1.82 -1.45
N PRO A 29 0.93 1.87 -0.56
CA PRO A 29 2.06 0.96 -0.62
C PRO A 29 1.64 -0.46 -0.28
N ALA A 30 2.04 -1.40 -1.14
CA ALA A 30 1.76 -2.83 -0.98
C ALA A 30 1.96 -3.34 0.46
N GLU A 31 2.85 -2.69 1.19
CA GLU A 31 3.23 -3.07 2.54
C GLU A 31 2.02 -3.12 3.50
N GLN A 32 1.09 -2.17 3.36
CA GLN A 32 -0.05 -2.10 4.27
C GLN A 32 -1.06 -3.20 3.97
N PHE A 33 -1.00 -3.75 2.76
CA PHE A 33 -1.91 -4.81 2.34
C PHE A 33 -1.60 -6.16 3.04
N ARG A 34 -1.70 -6.13 4.36
CA ARG A 34 -1.59 -7.34 5.18
C ARG A 34 -2.83 -8.22 5.04
N GLY A 35 -3.93 -7.61 4.64
CA GLY A 35 -5.14 -8.36 4.39
C GLY A 35 -5.29 -8.65 2.92
N SER A 36 -4.29 -9.34 2.37
CA SER A 36 -4.22 -9.64 0.93
C SER A 36 -3.85 -8.38 0.15
N LYS A 37 -2.97 -8.55 -0.84
CA LYS A 37 -2.52 -7.46 -1.69
C LYS A 37 -3.61 -7.12 -2.71
N ARG A 38 -4.78 -6.80 -2.18
CA ARG A 38 -5.98 -6.55 -2.97
C ARG A 38 -6.85 -5.51 -2.26
N PHE A 39 -6.77 -5.45 -0.94
CA PHE A 39 -7.57 -4.50 -0.17
C PHE A 39 -6.69 -3.79 0.83
N CYS A 40 -6.82 -2.48 0.89
CA CYS A 40 -5.94 -1.69 1.72
C CYS A 40 -6.28 -1.84 3.20
N SER A 41 -5.49 -2.60 3.94
CA SER A 41 -5.43 -2.56 5.40
C SER A 41 -6.49 -3.49 6.01
N MET A 42 -6.93 -3.23 7.23
CA MET A 42 -7.81 -4.15 7.95
C MET A 42 -9.28 -3.93 7.58
N THR A 43 -9.76 -2.72 7.82
CA THR A 43 -11.13 -2.31 7.49
C THR A 43 -11.54 -2.74 6.08
N CYS A 44 -10.73 -2.45 5.09
CA CYS A 44 -11.07 -2.76 3.71
C CYS A 44 -11.06 -4.26 3.42
N ALA A 45 -10.06 -4.97 3.91
CA ALA A 45 -10.01 -6.41 3.74
C ALA A 45 -11.21 -7.06 4.41
N LYS A 46 -11.51 -6.61 5.63
CA LYS A 46 -12.66 -7.09 6.36
C LYS A 46 -13.95 -6.72 5.65
N ARG A 47 -13.93 -5.59 4.96
CA ARG A 47 -15.13 -5.10 4.28
C ARG A 47 -15.55 -6.06 3.19
N TYR A 48 -14.57 -6.77 2.64
CA TYR A 48 -14.83 -7.77 1.62
C TYR A 48 -15.10 -9.14 2.28
N ASN A 49 -15.60 -9.11 3.50
CA ASN A 49 -16.06 -10.34 4.14
C ASN A 49 -17.43 -10.73 3.57
N GLY A 1 20.65 9.15 -8.88
CA GLY A 1 20.00 8.97 -7.57
C GLY A 1 18.49 8.91 -7.69
N THR A 2 17.81 9.73 -6.89
CA THR A 2 16.35 9.82 -6.93
C THR A 2 15.71 8.46 -6.65
N ARG A 3 15.90 7.99 -5.44
CA ARG A 3 15.28 6.75 -4.98
C ARG A 3 14.08 7.09 -4.09
N GLY A 4 14.02 8.34 -3.68
CA GLY A 4 12.88 8.84 -2.94
C GLY A 4 12.33 10.10 -3.57
N VAL A 5 11.63 9.93 -4.68
CA VAL A 5 11.09 11.06 -5.42
C VAL A 5 9.64 11.34 -5.00
N ASP A 6 9.42 12.55 -4.49
CA ASP A 6 8.10 13.00 -4.06
C ASP A 6 7.42 11.99 -3.15
N SER A 7 8.22 11.39 -2.28
CA SER A 7 7.72 10.42 -1.32
C SER A 7 7.02 11.13 -0.16
N PRO A 8 5.74 10.81 0.06
CA PRO A 8 4.99 11.28 1.23
C PRO A 8 5.69 10.84 2.52
N SER A 9 5.95 9.55 2.60
CA SER A 9 6.77 9.00 3.66
C SER A 9 8.17 8.76 3.10
N ALA A 10 9.16 9.30 3.80
CA ALA A 10 10.55 9.25 3.35
C ALA A 10 11.04 7.83 3.16
N GLU A 11 10.53 6.90 3.96
CA GLU A 11 10.93 5.51 3.87
C GLU A 11 9.79 4.60 3.43
N LEU A 12 8.57 4.87 3.91
CA LEU A 12 7.43 4.01 3.58
C LEU A 12 6.98 4.23 2.15
N ASP A 13 7.45 5.32 1.58
CA ASP A 13 7.20 5.63 0.17
C ASP A 13 8.53 5.70 -0.55
N LYS A 14 9.54 5.10 0.06
CA LYS A 14 10.86 5.02 -0.54
C LYS A 14 10.82 4.03 -1.69
N LYS A 15 9.89 3.09 -1.57
CA LYS A 15 9.70 2.06 -2.59
C LYS A 15 8.89 2.61 -3.75
N ALA A 16 7.80 3.31 -3.43
CA ALA A 16 6.93 3.95 -4.41
C ALA A 16 6.03 2.95 -5.13
N ASN A 17 6.15 1.69 -4.76
CA ASN A 17 5.33 0.62 -5.35
C ASN A 17 3.89 0.67 -4.81
N LEU A 18 3.04 1.43 -5.48
CA LEU A 18 1.67 1.57 -5.03
C LEU A 18 0.75 0.76 -5.92
N LEU A 19 -0.31 0.26 -5.33
CA LEU A 19 -1.39 -0.40 -6.05
C LEU A 19 -2.64 -0.17 -5.22
N LYS A 20 -3.82 -0.55 -5.70
CA LYS A 20 -4.99 -0.06 -4.99
C LYS A 20 -6.00 -1.14 -4.66
N CYS A 21 -6.59 -0.90 -3.48
CA CYS A 21 -7.64 -1.68 -2.88
C CYS A 21 -8.75 -1.99 -3.88
N GLU A 22 -8.90 -3.27 -4.25
CA GLU A 22 -9.97 -3.71 -5.15
C GLU A 22 -11.37 -3.48 -4.58
N TYR A 23 -11.47 -2.68 -3.53
CA TYR A 23 -12.76 -2.23 -3.05
C TYR A 23 -12.91 -0.74 -3.38
N CYS A 24 -12.45 0.12 -2.47
CA CYS A 24 -12.46 1.57 -2.70
C CYS A 24 -11.59 2.00 -3.89
N GLY A 25 -10.41 1.43 -3.98
CA GLY A 25 -9.55 1.73 -5.12
C GLY A 25 -8.54 2.81 -4.82
N LYS A 26 -8.23 2.99 -3.55
CA LYS A 26 -7.24 3.98 -3.16
C LYS A 26 -5.84 3.41 -3.28
N TYR A 27 -4.91 4.23 -3.75
CA TYR A 27 -3.53 3.81 -3.99
C TYR A 27 -2.72 3.89 -2.72
N ALA A 28 -1.95 2.84 -2.48
CA ALA A 28 -1.18 2.72 -1.26
C ALA A 28 -0.02 1.77 -1.46
N PRO A 29 1.03 1.92 -0.66
CA PRO A 29 2.19 1.03 -0.72
C PRO A 29 1.80 -0.39 -0.36
N ALA A 30 2.17 -1.32 -1.23
CA ALA A 30 1.89 -2.76 -1.05
C ALA A 30 2.15 -3.27 0.38
N GLU A 31 3.02 -2.56 1.11
CA GLU A 31 3.36 -2.91 2.49
C GLU A 31 2.11 -2.93 3.37
N GLN A 32 1.17 -2.05 3.06
CA GLN A 32 -0.02 -1.88 3.87
C GLN A 32 -1.03 -2.98 3.59
N PHE A 33 -0.96 -3.55 2.40
CA PHE A 33 -1.80 -4.69 2.02
C PHE A 33 -1.42 -5.96 2.80
N ARG A 34 -1.52 -5.83 4.11
CA ARG A 34 -1.26 -6.91 5.04
C ARG A 34 -2.49 -7.81 5.17
N GLY A 35 -2.26 -9.10 5.33
CA GLY A 35 -3.36 -10.05 5.39
C GLY A 35 -3.69 -10.60 4.02
N SER A 36 -3.82 -9.71 3.05
CA SER A 36 -4.15 -10.11 1.68
C SER A 36 -3.79 -8.99 0.70
N LYS A 37 -3.00 -9.33 -0.32
CA LYS A 37 -2.59 -8.38 -1.34
C LYS A 37 -3.72 -8.15 -2.35
N ARG A 38 -4.85 -7.72 -1.83
CA ARG A 38 -6.08 -7.54 -2.60
C ARG A 38 -6.73 -6.22 -2.20
N PHE A 39 -6.58 -5.89 -0.93
CA PHE A 39 -7.20 -4.72 -0.37
C PHE A 39 -6.19 -4.02 0.51
N CYS A 40 -6.45 -2.79 0.86
CA CYS A 40 -5.68 -2.13 1.89
C CYS A 40 -5.98 -2.82 3.23
N SER A 41 -5.74 -2.14 4.35
CA SER A 41 -5.53 -2.80 5.63
C SER A 41 -6.78 -3.50 6.18
N MET A 42 -7.24 -3.11 7.35
CA MET A 42 -8.18 -3.96 8.08
C MET A 42 -9.61 -3.76 7.63
N THR A 43 -10.12 -2.56 7.84
CA THR A 43 -11.50 -2.22 7.50
C THR A 43 -11.90 -2.69 6.10
N CYS A 44 -11.04 -2.46 5.12
CA CYS A 44 -11.37 -2.77 3.74
C CYS A 44 -11.35 -4.26 3.44
N ALA A 45 -10.28 -4.93 3.83
CA ALA A 45 -10.17 -6.37 3.63
C ALA A 45 -11.33 -7.08 4.31
N LYS A 46 -11.64 -6.64 5.52
CA LYS A 46 -12.71 -7.24 6.29
C LYS A 46 -14.07 -7.01 5.64
N ARG A 47 -14.27 -5.80 5.09
CA ARG A 47 -15.58 -5.41 4.62
C ARG A 47 -15.99 -6.20 3.38
N TYR A 48 -15.00 -6.64 2.61
CA TYR A 48 -15.29 -7.36 1.38
C TYR A 48 -15.63 -8.82 1.71
N ASN A 49 -15.21 -9.26 2.88
CA ASN A 49 -15.54 -10.60 3.36
C ASN A 49 -16.82 -10.56 4.18
N GLY A 1 18.03 10.02 -13.69
CA GLY A 1 18.35 9.77 -12.27
C GLY A 1 17.14 9.95 -11.38
N THR A 2 17.40 10.28 -10.10
CA THR A 2 16.34 10.52 -9.12
C THR A 2 15.48 9.28 -8.90
N ARG A 3 15.86 8.47 -7.91
CA ARG A 3 15.08 7.30 -7.55
C ARG A 3 14.41 7.51 -6.21
N GLY A 4 14.79 8.59 -5.55
CA GLY A 4 14.20 8.95 -4.27
C GLY A 4 14.05 10.44 -4.14
N VAL A 5 13.54 10.88 -3.01
CA VAL A 5 13.36 12.29 -2.74
C VAL A 5 13.70 12.59 -1.28
N ASP A 6 14.99 12.78 -1.02
CA ASP A 6 15.50 12.89 0.34
C ASP A 6 15.18 11.61 1.11
N SER A 7 15.33 10.49 0.41
CA SER A 7 14.94 9.20 0.94
C SER A 7 16.16 8.37 1.31
N PRO A 8 16.20 7.86 2.55
CA PRO A 8 17.27 6.98 3.03
C PRO A 8 17.26 5.62 2.33
N SER A 9 16.10 5.28 1.78
CA SER A 9 15.94 4.05 1.03
C SER A 9 15.29 4.38 -0.31
N ALA A 10 15.38 3.47 -1.26
CA ALA A 10 14.85 3.70 -2.59
C ALA A 10 13.34 3.92 -2.54
N GLU A 11 12.60 2.84 -2.29
CA GLU A 11 11.14 2.93 -2.24
C GLU A 11 10.59 2.48 -0.89
N LEU A 12 11.32 1.60 -0.20
CA LEU A 12 10.80 0.98 1.01
C LEU A 12 10.73 1.96 2.17
N ASP A 13 11.42 3.05 2.03
CA ASP A 13 11.38 4.14 3.00
C ASP A 13 11.09 5.44 2.26
N LYS A 14 9.97 5.41 1.57
CA LYS A 14 9.51 6.51 0.74
C LYS A 14 8.05 6.27 0.40
N LYS A 15 7.75 5.00 0.12
CA LYS A 15 6.39 4.55 -0.16
C LYS A 15 5.88 5.20 -1.45
N ALA A 16 6.12 4.48 -2.53
CA ALA A 16 5.78 4.93 -3.87
C ALA A 16 5.82 3.69 -4.77
N ASN A 17 5.10 2.70 -4.29
CA ASN A 17 5.06 1.37 -4.89
C ASN A 17 3.68 0.80 -4.60
N LEU A 18 2.72 1.58 -5.06
CA LEU A 18 1.33 1.41 -4.71
C LEU A 18 0.61 0.44 -5.65
N LEU A 19 -0.42 -0.16 -5.12
CA LEU A 19 -1.42 -0.90 -5.88
C LEU A 19 -2.74 -0.69 -5.16
N LYS A 20 -3.83 -0.57 -5.92
CA LYS A 20 -5.03 -0.04 -5.29
C LYS A 20 -6.05 -1.09 -4.88
N CYS A 21 -6.55 -0.85 -3.67
CA CYS A 21 -7.66 -1.55 -3.05
C CYS A 21 -8.81 -1.79 -4.02
N GLU A 22 -8.98 -3.04 -4.43
CA GLU A 22 -10.04 -3.44 -5.37
C GLU A 22 -11.47 -3.20 -4.82
N TYR A 23 -11.58 -2.58 -3.65
CA TYR A 23 -12.91 -2.31 -3.09
C TYR A 23 -13.27 -0.83 -3.29
N CYS A 24 -12.36 0.05 -2.92
CA CYS A 24 -12.60 1.49 -3.03
C CYS A 24 -11.71 2.14 -4.09
N GLY A 25 -10.63 1.49 -4.44
CA GLY A 25 -9.83 1.95 -5.55
C GLY A 25 -8.70 2.86 -5.11
N LYS A 26 -8.42 2.88 -3.81
CA LYS A 26 -7.41 3.77 -3.28
C LYS A 26 -6.04 3.14 -3.38
N TYR A 27 -5.06 3.94 -3.80
CA TYR A 27 -3.69 3.46 -3.95
C TYR A 27 -2.95 3.60 -2.63
N ALA A 28 -2.28 2.53 -2.24
CA ALA A 28 -1.56 2.49 -0.98
C ALA A 28 -0.36 1.57 -1.11
N PRO A 29 0.69 1.80 -0.29
CA PRO A 29 1.92 1.02 -0.33
C PRO A 29 1.67 -0.44 0.01
N ALA A 30 2.16 -1.31 -0.88
CA ALA A 30 1.98 -2.77 -0.76
C ALA A 30 2.24 -3.30 0.65
N GLU A 31 3.12 -2.61 1.38
CA GLU A 31 3.48 -2.95 2.76
C GLU A 31 2.23 -3.09 3.64
N GLN A 32 1.24 -2.24 3.38
CA GLN A 32 0.04 -2.18 4.19
C GLN A 32 -0.91 -3.31 3.83
N PHE A 33 -0.80 -3.82 2.61
CA PHE A 33 -1.65 -4.91 2.13
C PHE A 33 -1.36 -6.26 2.80
N ARG A 34 -1.30 -6.25 4.11
CA ARG A 34 -1.18 -7.47 4.90
C ARG A 34 -2.55 -8.12 5.05
N GLY A 35 -2.57 -9.44 5.08
CA GLY A 35 -3.81 -10.16 5.05
C GLY A 35 -4.18 -10.57 3.65
N SER A 36 -4.22 -9.59 2.76
CA SER A 36 -4.53 -9.84 1.36
C SER A 36 -4.09 -8.65 0.49
N LYS A 37 -3.24 -8.93 -0.49
CA LYS A 37 -2.78 -7.90 -1.42
C LYS A 37 -3.87 -7.62 -2.46
N ARG A 38 -4.98 -7.11 -1.97
CA ARG A 38 -6.20 -6.90 -2.74
C ARG A 38 -6.92 -5.67 -2.21
N PHE A 39 -6.83 -5.45 -0.90
CA PHE A 39 -7.55 -4.38 -0.25
C PHE A 39 -6.63 -3.68 0.73
N CYS A 40 -6.71 -2.36 0.80
CA CYS A 40 -5.77 -1.64 1.62
C CYS A 40 -6.11 -1.79 3.10
N SER A 41 -5.36 -2.63 3.80
CA SER A 41 -5.29 -2.62 5.25
C SER A 41 -6.39 -3.51 5.84
N MET A 42 -6.76 -3.30 7.09
CA MET A 42 -7.70 -4.17 7.80
C MET A 42 -9.15 -3.84 7.47
N THR A 43 -9.52 -2.57 7.67
CA THR A 43 -10.86 -2.06 7.37
C THR A 43 -11.38 -2.53 6.01
N CYS A 44 -10.60 -2.34 4.97
CA CYS A 44 -11.03 -2.67 3.63
C CYS A 44 -11.14 -4.17 3.39
N ALA A 45 -10.10 -4.90 3.79
CA ALA A 45 -10.05 -6.33 3.57
C ALA A 45 -11.20 -7.04 4.27
N LYS A 46 -11.43 -6.68 5.53
CA LYS A 46 -12.48 -7.30 6.31
C LYS A 46 -13.85 -6.95 5.73
N ARG A 47 -13.93 -5.76 5.13
CA ARG A 47 -15.19 -5.23 4.64
C ARG A 47 -15.67 -6.01 3.43
N TYR A 48 -14.72 -6.62 2.72
CA TYR A 48 -15.04 -7.45 1.57
C TYR A 48 -15.40 -8.87 2.03
N ASN A 49 -15.84 -8.98 3.27
CA ASN A 49 -16.41 -10.23 3.75
C ASN A 49 -17.83 -10.43 3.18
#